data_2X4U
#
_entry.id   2X4U
#
_cell.length_a   62.215
_cell.length_b   82.774
_cell.length_c   79.655
_cell.angle_alpha   90.00
_cell.angle_beta   90.76
_cell.angle_gamma   90.00
#
_symmetry.space_group_name_H-M   'P 1 21 1'
#
loop_
_entity.id
_entity.type
_entity.pdbx_description
1 polymer 'HLA CLASS I HISTOCOMPATIBILITY ANTIGEN, A-2 ALPHA CHAIN'
2 polymer BETA-2-MICROGLOBULIN
3 polymer 'REVERSE TRANSCRIPTASE/RIBONUCLEASE H'
4 non-polymer GLYCEROL
5 non-polymer '2-(N-MORPHOLINO)-ETHANESULFONIC ACID'
6 water water
#
loop_
_entity_poly.entity_id
_entity_poly.type
_entity_poly.pdbx_seq_one_letter_code
_entity_poly.pdbx_strand_id
1 'polypeptide(L)'
;GSHSMRYFFTSVSRPGRGEPRFIAVGYVDDTQFVRFDSDAASQRMEPRAPWIEQEGPEYWDGETRKVKAHSQTHRVDLGT
LRGYYNQSEAGSHTVQRMYGCDVGSDWRFLRGYHQYAYDGKDYIALKEDLRSWTAADMAAQTTKHKWEAAHVAEQLRAYL
EGTCVEWLRRYLENGKETLQRTDAPKTHMTHHAVSDHEATLRCWALSFYPAEITLTWQRDGEDQTQDTELVETRPAGDGT
FQKWAAVVVPSGQEQRYTCHVQHEGLPKPLTLRWE
;
A,D
2 'polypeptide(L)'
;MIQRTPKIQVYSRHPAENGKSNFLNCYVSGFHPSDIEVDLLKNGERIEKVEHSDLSFSKDWSFYLLYYTEFTPTEKDEYA
CRVNHVTLSQPKIVKWDRDM
;
B,E
3 'polypeptide(L)' ILKEPVHGV C,F
#
loop_
_chem_comp.id
_chem_comp.type
_chem_comp.name
_chem_comp.formula
GOL non-polymer GLYCEROL 'C3 H8 O3'
MES non-polymer '2-(N-MORPHOLINO)-ETHANESULFONIC ACID' 'C6 H13 N O4 S'
#
# COMPACT_ATOMS: atom_id res chain seq x y z
N GLY A 1 -1.78 4.38 -4.22
CA GLY A 1 -1.79 5.17 -3.02
C GLY A 1 -1.56 4.32 -1.79
N SER A 2 -1.59 4.95 -0.62
CA SER A 2 -1.39 4.24 0.63
C SER A 2 -2.69 3.61 1.13
N HIS A 3 -2.57 2.66 2.06
CA HIS A 3 -3.73 1.99 2.62
C HIS A 3 -3.56 1.77 4.11
N SER A 4 -4.66 1.44 4.78
CA SER A 4 -4.65 1.21 6.21
C SER A 4 -5.64 0.12 6.59
N MET A 5 -5.35 -0.57 7.68
CA MET A 5 -6.34 -1.41 8.31
C MET A 5 -6.45 -0.94 9.73
N ARG A 6 -7.67 -0.78 10.22
CA ARG A 6 -7.86 -0.25 11.56
C ARG A 6 -9.03 -0.92 12.23
N TYR A 7 -8.85 -1.21 13.52
CA TYR A 7 -9.92 -1.75 14.35
C TYR A 7 -10.26 -0.76 15.46
N PHE A 8 -11.56 -0.59 15.68
CA PHE A 8 -12.08 0.36 16.66
C PHE A 8 -12.92 -0.39 17.69
N PHE A 9 -12.66 -0.13 18.96
CA PHE A 9 -13.34 -0.81 20.06
C PHE A 9 -13.92 0.21 21.02
N THR A 10 -15.19 0.04 21.35
CA THR A 10 -15.86 0.90 22.30
C THR A 10 -16.50 0.04 23.37
N SER A 11 -16.23 0.39 24.62
CA SER A 11 -16.76 -0.34 25.77
C SER A 11 -17.43 0.63 26.73
N VAL A 12 -18.67 0.36 27.10
CA VAL A 12 -19.44 1.28 27.94
C VAL A 12 -20.08 0.55 29.12
N SER A 13 -19.68 0.92 30.34
CA SER A 13 -20.31 0.36 31.53
C SER A 13 -21.77 0.81 31.64
N ARG A 14 -22.61 -0.07 32.17
CA ARG A 14 -24.04 0.20 32.29
C ARG A 14 -24.55 -0.23 33.66
N PRO A 15 -24.10 0.46 34.73
CA PRO A 15 -24.38 0.03 36.10
C PRO A 15 -25.86 -0.21 36.32
N GLY A 16 -26.21 -1.41 36.79
CA GLY A 16 -27.59 -1.73 37.07
C GLY A 16 -28.35 -2.27 35.87
N ARG A 17 -27.87 -1.91 34.68
CA ARG A 17 -28.51 -2.33 33.44
C ARG A 17 -27.69 -3.41 32.72
N GLY A 18 -27.09 -4.30 33.50
CA GLY A 18 -26.41 -5.46 32.95
C GLY A 18 -24.95 -5.28 32.59
N GLU A 19 -24.47 -6.17 31.74
CA GLU A 19 -23.07 -6.17 31.29
C GLU A 19 -22.74 -4.90 30.54
N PRO A 20 -21.45 -4.55 30.49
CA PRO A 20 -21.02 -3.39 29.70
C PRO A 20 -21.24 -3.65 28.22
N ARG A 21 -21.70 -2.64 27.48
CA ARG A 21 -21.82 -2.73 26.04
C ARG A 21 -20.40 -2.81 25.45
N PHE A 22 -20.21 -3.66 24.46
CA PHE A 22 -18.91 -3.77 23.79
C PHE A 22 -19.13 -3.86 22.29
N ILE A 23 -18.55 -2.91 21.55
CA ILE A 23 -18.70 -2.89 20.11
C ILE A 23 -17.33 -2.83 19.44
N ALA A 24 -17.14 -3.70 18.45
CA ALA A 24 -15.90 -3.72 17.70
C ALA A 24 -16.19 -3.56 16.22
N VAL A 25 -15.40 -2.75 15.54
CA VAL A 25 -15.53 -2.59 14.10
C VAL A 25 -14.16 -2.57 13.42
N GLY A 26 -14.08 -3.17 12.23
CA GLY A 26 -12.85 -3.19 11.48
C GLY A 26 -13.00 -2.55 10.11
N TYR A 27 -11.98 -1.79 9.71
CA TYR A 27 -11.98 -1.07 8.44
C TYR A 27 -10.73 -1.38 7.64
N VAL A 28 -10.88 -1.48 6.32
CA VAL A 28 -9.75 -1.32 5.41
C VAL A 28 -9.99 0.01 4.70
N ASP A 29 -9.04 0.94 4.87
CA ASP A 29 -9.23 2.30 4.39
C ASP A 29 -10.55 2.84 4.94
N ASP A 30 -11.46 3.29 4.08
CA ASP A 30 -12.73 3.84 4.57
C ASP A 30 -13.88 2.83 4.43
N THR A 31 -13.55 1.54 4.34
CA THR A 31 -14.54 0.51 4.11
C THR A 31 -14.64 -0.45 5.29
N GLN A 32 -15.78 -0.49 5.97
CA GLN A 32 -15.96 -1.43 7.07
C GLN A 32 -16.08 -2.87 6.55
N PHE A 33 -15.44 -3.82 7.22
CA PHE A 33 -15.54 -5.21 6.77
C PHE A 33 -15.96 -6.21 7.85
N VAL A 34 -15.85 -5.83 9.13
CA VAL A 34 -16.37 -6.69 10.20
C VAL A 34 -16.94 -5.91 11.37
N ARG A 35 -17.76 -6.57 12.17
N ARG A 35 -17.76 -6.57 12.17
CA ARG A 35 -18.29 -6.00 13.39
CA ARG A 35 -18.29 -6.01 13.39
C ARG A 35 -18.55 -7.07 14.45
C ARG A 35 -18.51 -7.08 14.46
N PHE A 36 -18.58 -6.64 15.71
CA PHE A 36 -19.06 -7.47 16.80
C PHE A 36 -19.85 -6.54 17.71
N ASP A 37 -21.03 -6.96 18.11
CA ASP A 37 -21.81 -6.18 19.07
C ASP A 37 -22.26 -7.11 20.18
N SER A 38 -21.85 -6.80 21.40
CA SER A 38 -22.20 -7.60 22.56
C SER A 38 -23.71 -7.74 22.74
N ASP A 39 -24.47 -6.77 22.22
CA ASP A 39 -25.92 -6.77 22.37
C ASP A 39 -26.66 -7.54 21.27
N ALA A 40 -25.98 -7.81 20.16
CA ALA A 40 -26.61 -8.59 19.09
C ALA A 40 -26.74 -10.06 19.49
N ALA A 41 -27.52 -10.81 18.73
CA ALA A 41 -27.86 -12.19 19.10
C ALA A 41 -26.76 -13.21 18.81
N SER A 42 -26.02 -12.99 17.72
CA SER A 42 -25.07 -13.99 17.23
C SER A 42 -23.92 -14.27 18.19
N GLN A 43 -23.43 -13.23 18.85
CA GLN A 43 -22.23 -13.33 19.68
C GLN A 43 -21.03 -13.77 18.86
N ARG A 44 -21.03 -13.40 17.58
CA ARG A 44 -19.95 -13.72 16.65
C ARG A 44 -19.41 -12.47 15.98
N MET A 45 -18.15 -12.51 15.58
CA MET A 45 -17.65 -11.56 14.61
C MET A 45 -18.42 -11.79 13.32
N GLU A 46 -18.94 -10.73 12.72
CA GLU A 46 -19.78 -10.85 11.54
C GLU A 46 -19.22 -10.05 10.36
N PRO A 47 -19.48 -10.52 9.13
CA PRO A 47 -19.01 -9.81 7.93
C PRO A 47 -19.85 -8.58 7.62
N ARG A 48 -19.19 -7.53 7.13
N ARG A 48 -19.20 -7.53 7.14
CA ARG A 48 -19.87 -6.30 6.74
CA ARG A 48 -19.90 -6.31 6.72
C ARG A 48 -19.45 -5.88 5.33
C ARG A 48 -19.45 -5.87 5.34
N ALA A 49 -18.74 -6.75 4.64
CA ALA A 49 -18.29 -6.50 3.28
C ALA A 49 -18.35 -7.80 2.49
N PRO A 50 -18.69 -7.72 1.21
CA PRO A 50 -18.88 -8.91 0.38
C PRO A 50 -17.61 -9.74 0.24
N TRP A 51 -16.46 -9.07 0.18
CA TRP A 51 -15.19 -9.75 -0.12
C TRP A 51 -14.60 -10.50 1.08
N ILE A 52 -15.23 -10.36 2.25
CA ILE A 52 -14.76 -11.08 3.44
C ILE A 52 -15.71 -12.24 3.77
N GLU A 53 -16.90 -12.20 3.15
CA GLU A 53 -17.96 -13.17 3.42
C GLU A 53 -17.59 -14.63 3.16
N GLN A 54 -16.69 -14.85 2.20
CA GLN A 54 -16.34 -16.21 1.81
C GLN A 54 -15.02 -16.66 2.45
N GLU A 55 -14.71 -16.04 3.59
CA GLU A 55 -13.47 -16.35 4.26
C GLU A 55 -13.42 -17.79 4.80
N GLY A 56 -14.52 -18.28 5.38
CA GLY A 56 -14.52 -19.64 5.89
C GLY A 56 -14.62 -19.72 7.40
N PRO A 57 -15.13 -20.86 7.92
CA PRO A 57 -15.34 -21.07 9.36
C PRO A 57 -14.10 -20.83 10.23
N GLU A 58 -12.93 -21.24 9.77
CA GLU A 58 -11.72 -21.05 10.55
C GLU A 58 -11.47 -19.56 10.81
N TYR A 59 -11.59 -18.76 9.76
CA TYR A 59 -11.45 -17.31 9.91
C TYR A 59 -12.42 -16.76 10.94
N TRP A 60 -13.71 -17.04 10.74
CA TRP A 60 -14.76 -16.48 11.58
C TRP A 60 -14.70 -16.96 13.04
N ASP A 61 -14.48 -18.26 13.22
CA ASP A 61 -14.28 -18.80 14.56
C ASP A 61 -13.10 -18.12 15.24
N GLY A 62 -11.99 -17.97 14.52
CA GLY A 62 -10.80 -17.33 15.06
C GLY A 62 -11.06 -15.90 15.49
N GLU A 63 -11.68 -15.13 14.62
CA GLU A 63 -11.96 -13.72 14.93
C GLU A 63 -12.94 -13.60 16.09
N THR A 64 -13.91 -14.50 16.12
CA THR A 64 -14.87 -14.53 17.22
C THR A 64 -14.18 -14.80 18.55
N ARG A 65 -13.30 -15.79 18.57
CA ARG A 65 -12.53 -16.10 19.77
C ARG A 65 -11.76 -14.86 20.22
N LYS A 66 -11.00 -14.27 19.30
CA LYS A 66 -10.18 -13.13 19.65
C LYS A 66 -10.99 -11.91 20.09
N VAL A 67 -12.10 -11.63 19.41
CA VAL A 67 -12.90 -10.45 19.76
C VAL A 67 -13.57 -10.61 21.12
N LYS A 68 -13.85 -11.86 21.50
CA LYS A 68 -14.37 -12.14 22.83
C LYS A 68 -13.30 -11.87 23.90
N ALA A 69 -12.06 -12.20 23.57
CA ALA A 69 -10.95 -11.94 24.48
C ALA A 69 -10.79 -10.44 24.68
N HIS A 70 -10.91 -9.68 23.60
CA HIS A 70 -10.91 -8.23 23.67
C HIS A 70 -12.03 -7.75 24.59
N SER A 71 -13.22 -8.30 24.42
CA SER A 71 -14.37 -7.90 25.22
C SER A 71 -14.16 -8.12 26.72
N GLN A 72 -13.57 -9.26 27.06
CA GLN A 72 -13.31 -9.57 28.47
C GLN A 72 -12.30 -8.60 29.07
N THR A 73 -11.19 -8.39 28.37
CA THR A 73 -10.15 -7.47 28.83
C THR A 73 -10.73 -6.09 29.09
N HIS A 74 -11.60 -5.65 28.18
CA HIS A 74 -12.24 -4.36 28.34
C HIS A 74 -13.22 -4.33 29.53
N ARG A 75 -13.95 -5.41 29.73
CA ARG A 75 -14.85 -5.48 30.87
C ARG A 75 -14.08 -5.25 32.17
N VAL A 76 -12.92 -5.87 32.27
CA VAL A 76 -12.05 -5.72 33.44
C VAL A 76 -11.48 -4.30 33.53
N ASP A 77 -11.06 -3.77 32.38
CA ASP A 77 -10.50 -2.42 32.30
C ASP A 77 -11.43 -1.39 32.92
N LEU A 78 -12.72 -1.51 32.65
CA LEU A 78 -13.71 -0.59 33.20
C LEU A 78 -13.64 -0.56 34.72
N GLY A 79 -13.44 -1.73 35.32
CA GLY A 79 -13.32 -1.83 36.76
C GLY A 79 -12.01 -1.26 37.27
N THR A 80 -10.93 -1.51 36.55
CA THR A 80 -9.61 -1.01 36.93
C THR A 80 -9.58 0.51 36.89
N LEU A 81 -10.10 1.09 35.81
CA LEU A 81 -10.10 2.54 35.62
C LEU A 81 -10.95 3.27 36.66
N ARG A 82 -12.10 2.69 37.00
CA ARG A 82 -12.92 3.26 38.05
C ARG A 82 -12.10 3.34 39.33
N GLY A 83 -11.28 2.32 39.55
CA GLY A 83 -10.41 2.26 40.72
C GLY A 83 -9.28 3.28 40.70
N TYR A 84 -8.60 3.41 39.58
CA TYR A 84 -7.52 4.38 39.45
C TYR A 84 -8.02 5.79 39.78
N TYR A 85 -9.24 6.08 39.33
CA TYR A 85 -9.80 7.43 39.45
C TYR A 85 -10.76 7.56 40.62
N ASN A 86 -10.84 6.50 41.43
CA ASN A 86 -11.74 6.48 42.59
C ASN A 86 -13.12 7.03 42.25
N GLN A 87 -13.75 6.45 41.23
CA GLN A 87 -15.08 6.87 40.81
C GLN A 87 -16.15 5.96 41.38
N SER A 88 -17.36 6.46 41.52
CA SER A 88 -18.46 5.66 42.06
C SER A 88 -18.86 4.57 41.07
N GLU A 89 -19.36 3.45 41.58
CA GLU A 89 -19.73 2.35 40.71
C GLU A 89 -21.10 2.56 40.08
N ALA A 90 -21.70 3.72 40.33
CA ALA A 90 -23.05 4.02 39.86
C ALA A 90 -23.08 4.72 38.50
N GLY A 91 -21.97 5.36 38.13
CA GLY A 91 -21.92 6.11 36.89
C GLY A 91 -21.50 5.28 35.70
N SER A 92 -21.87 5.73 34.50
CA SER A 92 -21.45 5.05 33.28
C SER A 92 -20.16 5.66 32.75
N HIS A 93 -19.24 4.82 32.31
CA HIS A 93 -17.99 5.29 31.75
C HIS A 93 -17.65 4.63 30.42
N THR A 94 -16.75 5.26 29.67
CA THR A 94 -16.43 4.79 28.33
C THR A 94 -14.95 4.53 28.13
N VAL A 95 -14.64 3.37 27.56
CA VAL A 95 -13.28 3.08 27.13
C VAL A 95 -13.26 2.92 25.62
N GLN A 96 -12.27 3.52 24.96
CA GLN A 96 -12.13 3.39 23.52
C GLN A 96 -10.72 2.96 23.17
N ARG A 97 -10.60 2.08 22.19
CA ARG A 97 -9.30 1.62 21.73
C ARG A 97 -9.29 1.58 20.22
N MET A 98 -8.19 2.04 19.64
CA MET A 98 -8.02 1.95 18.20
C MET A 98 -6.59 1.50 17.91
N TYR A 99 -6.46 0.52 17.03
CA TYR A 99 -5.14 0.14 16.56
C TYR A 99 -5.18 -0.26 15.09
N GLY A 100 -4.03 -0.20 14.45
CA GLY A 100 -3.94 -0.52 13.04
C GLY A 100 -2.61 -0.16 12.44
N CYS A 101 -2.49 -0.38 11.13
CA CYS A 101 -1.24 -0.19 10.42
C CYS A 101 -1.49 0.50 9.09
N ASP A 102 -0.49 1.25 8.63
CA ASP A 102 -0.52 1.88 7.32
C ASP A 102 0.55 1.26 6.45
N VAL A 103 0.24 1.08 5.16
CA VAL A 103 1.23 0.70 4.16
C VAL A 103 1.31 1.78 3.10
N GLY A 104 2.45 1.85 2.42
CA GLY A 104 2.64 2.81 1.35
C GLY A 104 2.10 2.27 0.04
N SER A 105 2.34 3.01 -1.04
CA SER A 105 1.88 2.59 -2.36
C SER A 105 2.60 1.30 -2.78
N ASP A 106 3.71 1.01 -2.12
CA ASP A 106 4.44 -0.23 -2.37
C ASP A 106 3.92 -1.34 -1.46
N TRP A 107 2.87 -1.04 -0.71
CA TRP A 107 2.25 -1.99 0.22
C TRP A 107 3.24 -2.46 1.29
N ARG A 108 4.29 -1.67 1.51
CA ARG A 108 5.25 -1.93 2.57
C ARG A 108 4.84 -1.18 3.83
N PHE A 109 5.10 -1.78 4.98
CA PHE A 109 4.80 -1.16 6.27
C PHE A 109 5.27 0.27 6.31
N LEU A 110 4.35 1.16 6.69
CA LEU A 110 4.67 2.57 6.80
C LEU A 110 4.72 2.98 8.28
N ARG A 111 3.67 2.62 9.02
CA ARG A 111 3.58 2.96 10.44
C ARG A 111 2.45 2.20 11.09
N GLY A 112 2.53 2.07 12.40
CA GLY A 112 1.50 1.39 13.18
C GLY A 112 1.10 2.26 14.35
N TYR A 113 -0.03 1.96 14.96
CA TYR A 113 -0.53 2.77 16.06
C TYR A 113 -1.44 1.96 16.96
N HIS A 114 -1.49 2.36 18.22
CA HIS A 114 -2.36 1.74 19.20
C HIS A 114 -2.70 2.80 20.24
N GLN A 115 -3.94 3.26 20.22
CA GLN A 115 -4.37 4.33 21.12
C GLN A 115 -5.52 3.88 22.01
N TYR A 116 -5.57 4.45 23.21
CA TYR A 116 -6.53 4.06 24.22
C TYR A 116 -7.05 5.32 24.90
N ALA A 117 -8.37 5.45 25.00
CA ALA A 117 -8.98 6.61 25.64
C ALA A 117 -9.92 6.20 26.77
N TYR A 118 -10.01 7.06 27.77
CA TYR A 118 -10.96 6.85 28.86
C TYR A 118 -11.85 8.08 28.97
N ASP A 119 -13.15 7.86 28.93
CA ASP A 119 -14.13 8.94 28.99
C ASP A 119 -13.85 10.05 27.97
N GLY A 120 -13.50 9.65 26.75
CA GLY A 120 -13.38 10.58 25.65
C GLY A 120 -12.12 11.43 25.64
N LYS A 121 -11.11 10.99 26.39
N LYS A 121 -11.13 11.02 26.43
CA LYS A 121 -9.86 11.74 26.48
CA LYS A 121 -9.85 11.71 26.51
C LYS A 121 -8.69 10.77 26.38
C LYS A 121 -8.71 10.72 26.31
N ASP A 122 -7.60 11.20 25.74
CA ASP A 122 -6.39 10.37 25.64
C ASP A 122 -6.07 9.76 27.00
N TYR A 123 -5.77 8.47 27.01
CA TYR A 123 -5.32 7.80 28.22
C TYR A 123 -3.87 7.34 28.04
N ILE A 124 -3.68 6.38 27.15
CA ILE A 124 -2.32 5.95 26.81
C ILE A 124 -2.21 5.68 25.32
N ALA A 125 -1.02 5.88 24.76
CA ALA A 125 -0.78 5.70 23.35
C ALA A 125 0.61 5.14 23.06
N LEU A 126 0.69 4.24 22.09
CA LEU A 126 1.97 3.70 21.65
C LEU A 126 2.64 4.72 20.75
N LYS A 127 3.92 5.01 21.01
CA LYS A 127 4.62 6.00 20.20
C LYS A 127 5.03 5.45 18.83
N GLU A 128 5.39 6.34 17.91
CA GLU A 128 5.77 5.94 16.56
C GLU A 128 6.90 4.91 16.52
N ASP A 129 7.80 4.97 17.49
CA ASP A 129 8.90 4.01 17.55
C ASP A 129 8.41 2.59 17.84
N LEU A 130 7.13 2.48 18.17
CA LEU A 130 6.49 1.21 18.47
C LEU A 130 7.20 0.46 19.60
N ARG A 131 7.83 1.19 20.51
N ARG A 131 7.80 1.20 20.52
CA ARG A 131 8.50 0.58 21.64
CA ARG A 131 8.54 0.62 21.63
C ARG A 131 8.29 1.36 22.95
C ARG A 131 8.21 1.32 22.94
N SER A 132 7.84 2.60 22.84
CA SER A 132 7.59 3.41 24.03
C SER A 132 6.13 3.88 24.10
N TRP A 133 5.73 4.37 25.27
CA TRP A 133 4.35 4.74 25.53
C TRP A 133 4.22 6.19 25.95
N THR A 134 3.09 6.79 25.59
CA THR A 134 2.75 8.13 26.06
C THR A 134 1.54 8.08 26.98
N ALA A 135 1.76 8.40 28.26
CA ALA A 135 0.71 8.39 29.27
C ALA A 135 0.16 9.79 29.49
N ALA A 136 -1.17 9.91 29.48
CA ALA A 136 -1.85 11.19 29.57
C ALA A 136 -1.82 11.81 30.96
N ASP A 137 -1.87 10.98 32.00
CA ASP A 137 -1.84 11.48 33.36
C ASP A 137 -1.19 10.50 34.31
N MET A 138 -1.45 10.66 35.60
CA MET A 138 -0.81 9.84 36.63
C MET A 138 -1.28 8.39 36.58
N ALA A 139 -2.59 8.20 36.42
CA ALA A 139 -3.16 6.85 36.33
C ALA A 139 -2.61 6.09 35.13
N ALA A 140 -2.62 6.74 33.96
CA ALA A 140 -2.10 6.14 32.74
C ALA A 140 -0.64 5.70 32.92
N GLN A 141 0.10 6.42 33.74
CA GLN A 141 1.50 6.09 34.00
C GLN A 141 1.66 4.76 34.75
N THR A 142 0.70 4.46 35.62
CA THR A 142 0.64 3.13 36.23
C THR A 142 0.44 2.07 35.15
N THR A 143 -0.46 2.32 34.21
CA THR A 143 -0.66 1.40 33.10
C THR A 143 0.63 1.26 32.30
N LYS A 144 1.29 2.39 32.07
CA LYS A 144 2.54 2.42 31.31
C LYS A 144 3.58 1.48 31.91
N HIS A 145 3.83 1.59 33.21
CA HIS A 145 4.81 0.74 33.89
C HIS A 145 4.37 -0.71 33.78
N LYS A 146 3.08 -0.92 33.95
N LYS A 146 3.07 -0.94 33.93
CA LYS A 146 2.47 -2.25 33.86
CA LYS A 146 2.51 -2.28 33.87
C LYS A 146 2.77 -2.87 32.50
C LYS A 146 2.77 -2.89 32.48
N TRP A 147 2.52 -2.11 31.43
CA TRP A 147 2.73 -2.61 30.07
C TRP A 147 4.21 -2.74 29.73
N GLU A 148 5.03 -1.86 30.29
CA GLU A 148 6.47 -1.96 30.10
C GLU A 148 6.96 -3.29 30.68
N ALA A 149 6.42 -3.65 31.84
CA ALA A 149 6.83 -4.87 32.54
C ALA A 149 6.45 -6.12 31.77
N ALA A 150 5.31 -6.08 31.10
CA ALA A 150 4.79 -7.24 30.36
C ALA A 150 5.20 -7.23 28.89
N HIS A 151 6.10 -6.31 28.53
CA HIS A 151 6.61 -6.22 27.16
C HIS A 151 5.48 -6.16 26.13
N VAL A 152 4.44 -5.38 26.45
CA VAL A 152 3.28 -5.24 25.58
C VAL A 152 3.64 -4.64 24.22
N ALA A 153 4.58 -3.70 24.23
CA ALA A 153 4.97 -3.00 23.00
C ALA A 153 5.61 -3.97 22.01
N GLU A 154 6.41 -4.90 22.51
N GLU A 154 6.44 -4.88 22.50
CA GLU A 154 7.07 -5.87 21.65
CA GLU A 154 7.07 -5.89 21.66
C GLU A 154 6.07 -6.80 20.95
C GLU A 154 6.01 -6.67 20.91
N GLN A 155 4.98 -7.10 21.65
CA GLN A 155 3.92 -7.90 21.06
C GLN A 155 3.15 -7.10 20.02
N LEU A 156 2.83 -5.87 20.35
CA LEU A 156 2.13 -4.98 19.41
C LEU A 156 2.96 -4.70 18.16
N ARG A 157 4.27 -4.52 18.34
N ARG A 157 4.27 -4.51 18.34
CA ARG A 157 5.17 -4.23 17.23
CA ARG A 157 5.16 -4.24 17.22
C ARG A 157 5.17 -5.38 16.22
C ARG A 157 5.14 -5.38 16.22
N ALA A 158 5.17 -6.61 16.73
CA ALA A 158 5.17 -7.79 15.87
C ALA A 158 3.86 -7.92 15.10
N TYR A 159 2.74 -7.72 15.79
CA TYR A 159 1.43 -7.72 15.13
C TYR A 159 1.34 -6.63 14.07
N LEU A 160 1.71 -5.41 14.44
CA LEU A 160 1.51 -4.24 13.59
C LEU A 160 2.36 -4.29 12.32
N GLU A 161 3.61 -4.70 12.45
CA GLU A 161 4.50 -4.81 11.30
C GLU A 161 4.26 -6.11 10.53
N GLY A 162 3.84 -7.14 11.24
CA GLY A 162 3.67 -8.46 10.65
C GLY A 162 2.24 -8.76 10.24
N THR A 163 1.50 -9.40 11.13
CA THR A 163 0.11 -9.82 10.88
C THR A 163 -0.75 -8.73 10.25
N CYS A 164 -0.63 -7.51 10.78
CA CYS A 164 -1.46 -6.40 10.31
C CYS A 164 -1.28 -6.14 8.82
N VAL A 165 -0.04 -5.99 8.38
CA VAL A 165 0.20 -5.66 6.98
C VAL A 165 -0.04 -6.87 6.08
N GLU A 166 0.29 -8.06 6.57
N GLU A 166 0.29 -8.06 6.59
CA GLU A 166 0.08 -9.28 5.79
CA GLU A 166 0.10 -9.29 5.83
C GLU A 166 -1.39 -9.41 5.43
C GLU A 166 -1.37 -9.49 5.47
N TRP A 167 -2.24 -9.26 6.43
CA TRP A 167 -3.67 -9.40 6.22
C TRP A 167 -4.31 -8.20 5.49
N LEU A 168 -3.75 -7.00 5.69
CA LEU A 168 -4.18 -5.84 4.92
C LEU A 168 -3.97 -6.13 3.43
N ARG A 169 -2.78 -6.59 3.08
CA ARG A 169 -2.47 -6.93 1.70
C ARG A 169 -3.44 -7.98 1.17
N ARG A 170 -3.71 -8.99 2.00
N ARG A 170 -3.71 -9.00 1.98
CA ARG A 170 -4.63 -10.07 1.65
CA ARG A 170 -4.64 -10.06 1.60
C ARG A 170 -6.04 -9.53 1.35
C ARG A 170 -6.03 -9.48 1.31
N TYR A 171 -6.53 -8.65 2.21
CA TYR A 171 -7.85 -8.03 2.02
C TYR A 171 -7.86 -7.16 0.78
N LEU A 172 -6.79 -6.41 0.55
CA LEU A 172 -6.70 -5.55 -0.63
C LEU A 172 -6.77 -6.37 -1.91
N GLU A 173 -6.20 -7.57 -1.88
CA GLU A 173 -6.21 -8.45 -3.04
C GLU A 173 -7.59 -9.10 -3.22
N ASN A 174 -8.15 -9.64 -2.15
CA ASN A 174 -9.45 -10.28 -2.18
C ASN A 174 -10.60 -9.33 -2.50
N GLY A 175 -10.50 -8.10 -2.02
CA GLY A 175 -11.53 -7.11 -2.26
C GLY A 175 -11.11 -6.05 -3.25
N LYS A 176 -10.15 -6.39 -4.10
CA LYS A 176 -9.57 -5.45 -5.06
C LYS A 176 -10.61 -4.55 -5.75
N GLU A 177 -11.68 -5.14 -6.27
CA GLU A 177 -12.72 -4.36 -6.94
C GLU A 177 -13.25 -3.23 -6.07
N THR A 178 -13.47 -3.54 -4.81
CA THR A 178 -14.01 -2.58 -3.86
C THR A 178 -12.91 -1.67 -3.31
N LEU A 179 -11.83 -2.29 -2.84
CA LEU A 179 -10.83 -1.59 -2.04
C LEU A 179 -9.79 -0.81 -2.86
N GLN A 180 -9.40 -1.34 -4.02
CA GLN A 180 -8.39 -0.66 -4.83
C GLN A 180 -9.03 0.29 -5.83
N ARG A 181 -10.27 0.65 -5.58
CA ARG A 181 -10.99 1.58 -6.45
C ARG A 181 -10.83 3.00 -5.93
N THR A 182 -10.74 3.95 -6.85
N THR A 182 -10.78 3.95 -6.86
CA THR A 182 -10.95 5.35 -6.50
CA THR A 182 -10.94 5.34 -6.48
C THR A 182 -12.17 5.83 -7.27
C THR A 182 -12.12 5.90 -7.27
N ASP A 183 -13.15 6.32 -6.55
CA ASP A 183 -14.33 6.90 -7.17
C ASP A 183 -14.17 8.40 -7.06
N ALA A 184 -13.86 9.05 -8.18
CA ALA A 184 -13.77 10.50 -8.21
C ALA A 184 -15.13 11.10 -7.93
N PRO A 185 -15.14 12.23 -7.22
CA PRO A 185 -16.40 12.93 -6.89
C PRO A 185 -17.19 13.35 -8.13
N LYS A 186 -18.51 13.14 -8.08
CA LYS A 186 -19.39 13.75 -9.05
C LYS A 186 -19.82 15.07 -8.45
N THR A 187 -19.55 16.16 -9.17
CA THR A 187 -19.72 17.50 -8.61
C THR A 187 -20.78 18.28 -9.36
N HIS A 188 -21.45 19.16 -8.63
CA HIS A 188 -22.33 20.16 -9.25
C HIS A 188 -22.57 21.28 -8.26
N MET A 189 -23.19 22.35 -8.73
N MET A 189 -23.22 22.33 -8.72
CA MET A 189 -23.48 23.50 -7.89
CA MET A 189 -23.47 23.50 -7.91
C MET A 189 -24.98 23.73 -7.87
C MET A 189 -24.96 23.80 -7.89
N THR A 190 -25.47 24.25 -6.76
CA THR A 190 -26.86 24.69 -6.69
C THR A 190 -26.91 26.15 -6.29
N HIS A 191 -28.02 26.80 -6.62
CA HIS A 191 -28.20 28.23 -6.36
C HIS A 191 -29.61 28.42 -5.81
N HIS A 192 -29.70 29.10 -4.67
CA HIS A 192 -31.00 29.38 -4.07
C HIS A 192 -31.06 30.79 -3.49
N ALA A 193 -32.06 31.55 -3.91
CA ALA A 193 -32.23 32.92 -3.44
C ALA A 193 -32.62 32.92 -1.97
N VAL A 194 -31.88 33.68 -1.17
CA VAL A 194 -32.18 33.82 0.25
C VAL A 194 -32.94 35.12 0.49
N SER A 195 -32.78 36.06 -0.43
CA SER A 195 -33.58 37.27 -0.48
C SER A 195 -33.48 37.86 -1.88
N ASP A 196 -34.07 39.03 -2.08
CA ASP A 196 -34.02 39.68 -3.38
C ASP A 196 -32.59 40.09 -3.73
N HIS A 197 -31.72 40.15 -2.72
CA HIS A 197 -30.37 40.67 -2.92
C HIS A 197 -29.23 39.69 -2.61
N GLU A 198 -29.54 38.54 -2.02
CA GLU A 198 -28.51 37.53 -1.76
C GLU A 198 -28.93 36.13 -2.19
N ALA A 199 -27.92 35.30 -2.46
CA ALA A 199 -28.14 33.93 -2.93
C ALA A 199 -27.11 32.99 -2.32
N THR A 200 -27.55 31.78 -2.01
CA THR A 200 -26.66 30.74 -1.54
C THR A 200 -26.13 29.95 -2.73
N LEU A 201 -24.80 29.84 -2.81
N LEU A 201 -24.81 29.83 -2.80
CA LEU A 201 -24.17 28.98 -3.78
CA LEU A 201 -24.18 28.97 -3.79
C LEU A 201 -23.66 27.76 -3.03
C LEU A 201 -23.61 27.76 -3.07
N ARG A 202 -24.09 26.57 -3.43
CA ARG A 202 -23.61 25.35 -2.79
C ARG A 202 -22.86 24.45 -3.75
N CYS A 203 -21.61 24.15 -3.39
CA CYS A 203 -20.78 23.25 -4.16
C CYS A 203 -20.92 21.82 -3.60
N TRP A 204 -21.31 20.88 -4.47
CA TRP A 204 -21.54 19.50 -4.07
C TRP A 204 -20.47 18.53 -4.57
N ALA A 205 -20.07 17.60 -3.72
CA ALA A 205 -19.24 16.49 -4.14
C ALA A 205 -19.96 15.22 -3.72
N LEU A 206 -20.27 14.35 -4.68
CA LEU A 206 -21.05 13.16 -4.36
C LEU A 206 -20.41 11.88 -4.87
N SER A 207 -20.76 10.78 -4.21
CA SER A 207 -20.36 9.43 -4.61
C SER A 207 -18.87 9.25 -4.79
N PHE A 208 -18.09 9.79 -3.88
CA PHE A 208 -16.64 9.61 -3.96
C PHE A 208 -16.10 8.61 -2.96
N TYR A 209 -14.93 8.06 -3.28
CA TYR A 209 -14.19 7.15 -2.41
C TYR A 209 -12.71 7.24 -2.77
N PRO A 210 -11.83 7.31 -1.76
CA PRO A 210 -12.07 7.30 -0.32
C PRO A 210 -12.61 8.64 0.18
N ALA A 211 -12.78 8.77 1.50
CA ALA A 211 -13.46 9.92 2.09
C ALA A 211 -12.67 11.22 2.03
N GLU A 212 -11.35 11.13 2.04
CA GLU A 212 -10.52 12.33 2.07
C GLU A 212 -10.83 13.21 0.87
N ILE A 213 -11.13 14.48 1.14
CA ILE A 213 -11.42 15.42 0.06
C ILE A 213 -11.29 16.85 0.58
N THR A 214 -10.98 17.77 -0.32
CA THR A 214 -10.94 19.19 0.01
C THR A 214 -11.84 19.97 -0.92
N LEU A 215 -12.79 20.70 -0.33
CA LEU A 215 -13.70 21.58 -1.05
C LEU A 215 -13.48 22.98 -0.53
N THR A 216 -13.22 23.92 -1.43
CA THR A 216 -12.99 25.30 -1.00
C THR A 216 -13.62 26.27 -2.00
N TRP A 217 -14.01 27.43 -1.49
CA TRP A 217 -14.54 28.50 -2.29
C TRP A 217 -13.56 29.66 -2.38
N GLN A 218 -13.46 30.25 -3.56
N GLN A 218 -13.45 30.24 -3.57
CA GLN A 218 -12.67 31.47 -3.76
CA GLN A 218 -12.70 31.48 -3.73
C GLN A 218 -13.53 32.52 -4.44
C GLN A 218 -13.61 32.53 -4.35
N ARG A 219 -13.25 33.79 -4.17
CA ARG A 219 -13.90 34.90 -4.85
C ARG A 219 -12.79 35.68 -5.53
N ASP A 220 -12.76 35.60 -6.86
CA ASP A 220 -11.65 36.17 -7.63
C ASP A 220 -10.30 35.69 -7.12
N GLY A 221 -10.23 34.42 -6.73
CA GLY A 221 -8.98 33.83 -6.27
C GLY A 221 -8.69 33.99 -4.79
N GLU A 222 -9.43 34.85 -4.10
CA GLU A 222 -9.25 35.04 -2.66
C GLU A 222 -9.97 33.92 -1.90
N ASP A 223 -9.29 33.32 -0.92
CA ASP A 223 -9.91 32.27 -0.10
C ASP A 223 -11.06 32.83 0.74
N GLN A 224 -12.12 32.04 0.87
CA GLN A 224 -13.34 32.46 1.55
C GLN A 224 -13.61 31.57 2.75
N THR A 225 -12.55 31.10 3.39
CA THR A 225 -12.65 30.18 4.51
C THR A 225 -13.65 30.59 5.59
N GLN A 226 -13.53 31.82 6.07
N GLN A 226 -13.53 31.83 6.05
CA GLN A 226 -14.37 32.28 7.18
CA GLN A 226 -14.35 32.31 7.16
C GLN A 226 -15.83 32.46 6.77
C GLN A 226 -15.81 32.55 6.77
N ASP A 227 -16.08 32.64 5.47
CA ASP A 227 -17.44 32.84 4.99
C ASP A 227 -18.04 31.57 4.37
N THR A 228 -17.34 30.46 4.53
CA THR A 228 -17.79 29.21 3.92
C THR A 228 -18.44 28.30 4.95
N GLU A 229 -19.64 27.83 4.66
CA GLU A 229 -20.23 26.79 5.48
C GLU A 229 -19.83 25.44 4.91
N LEU A 230 -19.17 24.64 5.73
CA LEU A 230 -18.63 23.36 5.31
C LEU A 230 -19.22 22.30 6.23
N VAL A 231 -19.87 21.30 5.65
CA VAL A 231 -20.37 20.20 6.46
C VAL A 231 -19.30 19.12 6.55
N GLU A 232 -19.37 18.29 7.59
CA GLU A 232 -18.48 17.14 7.69
C GLU A 232 -18.78 16.15 6.56
N THR A 233 -17.72 15.59 5.99
CA THR A 233 -17.84 14.50 5.02
C THR A 233 -18.70 13.41 5.64
N ARG A 234 -19.64 12.88 4.86
CA ARG A 234 -20.66 12.02 5.41
C ARG A 234 -20.85 10.80 4.52
N PRO A 235 -21.17 9.65 5.12
CA PRO A 235 -21.39 8.43 4.34
C PRO A 235 -22.71 8.50 3.58
N ALA A 236 -22.72 8.08 2.32
CA ALA A 236 -23.96 8.03 1.56
C ALA A 236 -24.79 6.82 1.99
N GLY A 237 -24.12 5.84 2.57
CA GLY A 237 -24.77 4.59 2.93
C GLY A 237 -24.40 3.43 2.03
N ASP A 238 -23.84 3.72 0.86
CA ASP A 238 -23.52 2.67 -0.11
C ASP A 238 -22.01 2.44 -0.27
N GLY A 239 -21.22 2.96 0.65
CA GLY A 239 -19.77 2.81 0.57
C GLY A 239 -19.06 4.03 0.00
N THR A 240 -19.82 4.99 -0.52
CA THR A 240 -19.24 6.25 -1.00
C THR A 240 -19.52 7.38 -0.01
N PHE A 241 -18.98 8.55 -0.27
CA PHE A 241 -19.12 9.67 0.65
C PHE A 241 -19.62 10.91 -0.07
N GLN A 242 -20.04 11.89 0.73
CA GLN A 242 -20.57 13.16 0.24
C GLN A 242 -20.00 14.31 1.05
N LYS A 243 -19.98 15.51 0.46
CA LYS A 243 -19.62 16.71 1.20
C LYS A 243 -20.14 17.89 0.41
N TRP A 244 -20.48 18.97 1.11
CA TRP A 244 -20.74 20.24 0.41
C TRP A 244 -20.17 21.43 1.13
N ALA A 245 -19.98 22.51 0.36
CA ALA A 245 -19.53 23.79 0.89
C ALA A 245 -20.41 24.87 0.28
N ALA A 246 -20.85 25.83 1.08
CA ALA A 246 -21.74 26.88 0.57
C ALA A 246 -21.28 28.27 0.99
N VAL A 247 -21.55 29.26 0.14
CA VAL A 247 -21.31 30.65 0.49
C VAL A 247 -22.55 31.48 0.13
N VAL A 248 -22.82 32.50 0.96
CA VAL A 248 -23.90 33.43 0.67
C VAL A 248 -23.35 34.59 -0.14
N VAL A 249 -23.90 34.78 -1.33
CA VAL A 249 -23.32 35.67 -2.33
C VAL A 249 -24.29 36.79 -2.71
N PRO A 250 -23.78 38.03 -2.81
CA PRO A 250 -24.62 39.13 -3.31
C PRO A 250 -25.08 38.83 -4.73
N SER A 251 -26.39 38.90 -4.96
N SER A 251 -26.39 38.89 -4.96
CA SER A 251 -26.95 38.66 -6.28
CA SER A 251 -26.94 38.63 -6.29
C SER A 251 -26.22 39.49 -7.33
C SER A 251 -26.27 39.50 -7.35
N GLY A 252 -25.82 38.86 -8.43
CA GLY A 252 -25.07 39.54 -9.46
C GLY A 252 -23.57 39.33 -9.39
N GLN A 253 -23.11 38.70 -8.31
CA GLN A 253 -21.68 38.42 -8.15
C GLN A 253 -21.35 36.93 -8.29
N GLU A 254 -22.33 36.15 -8.75
CA GLU A 254 -22.17 34.70 -8.83
C GLU A 254 -20.93 34.28 -9.61
N GLN A 255 -20.67 34.95 -10.73
CA GLN A 255 -19.54 34.59 -11.57
C GLN A 255 -18.16 34.90 -10.98
N ARG A 256 -18.13 35.64 -9.87
CA ARG A 256 -16.86 35.93 -9.19
C ARG A 256 -16.35 34.73 -8.38
N TYR A 257 -17.24 33.81 -8.05
CA TYR A 257 -16.92 32.71 -7.16
C TYR A 257 -16.53 31.43 -7.91
N THR A 258 -15.62 30.66 -7.32
CA THR A 258 -15.23 29.37 -7.85
C THR A 258 -15.14 28.36 -6.73
N CYS A 259 -15.59 27.14 -7.00
CA CYS A 259 -15.43 26.05 -6.06
C CYS A 259 -14.30 25.15 -6.52
N HIS A 260 -13.37 24.84 -5.62
N HIS A 260 -13.36 24.86 -5.62
CA HIS A 260 -12.23 24.02 -5.96
CA HIS A 260 -12.20 24.03 -5.93
C HIS A 260 -12.29 22.68 -5.26
C HIS A 260 -12.33 22.67 -5.26
N VAL A 261 -12.17 21.61 -6.04
CA VAL A 261 -12.32 20.26 -5.52
C VAL A 261 -11.05 19.44 -5.71
N GLN A 262 -10.49 18.97 -4.59
CA GLN A 262 -9.33 18.09 -4.64
C GLN A 262 -9.68 16.70 -4.12
N HIS A 263 -9.29 15.68 -4.87
CA HIS A 263 -9.57 14.30 -4.50
C HIS A 263 -8.63 13.35 -5.25
N GLU A 264 -8.27 12.27 -4.58
CA GLU A 264 -7.35 11.26 -5.10
C GLU A 264 -7.76 10.73 -6.48
N GLY A 265 -9.06 10.68 -6.73
CA GLY A 265 -9.57 10.14 -7.98
C GLY A 265 -9.59 11.11 -9.14
N LEU A 266 -9.21 12.36 -8.89
CA LEU A 266 -9.18 13.36 -9.96
C LEU A 266 -7.78 13.50 -10.54
N PRO A 267 -7.67 13.39 -11.87
CA PRO A 267 -6.39 13.66 -12.56
C PRO A 267 -5.86 15.04 -12.18
N LYS A 268 -6.74 16.03 -12.18
CA LYS A 268 -6.39 17.38 -11.74
C LYS A 268 -7.49 17.91 -10.83
N PRO A 269 -7.14 18.80 -9.89
CA PRO A 269 -8.20 19.40 -9.08
C PRO A 269 -9.21 20.08 -10.01
N LEU A 270 -10.48 20.06 -9.63
CA LEU A 270 -11.53 20.68 -10.43
C LEU A 270 -11.73 22.13 -10.00
N THR A 271 -12.04 23.00 -10.96
CA THR A 271 -12.49 24.36 -10.65
C THR A 271 -13.88 24.55 -11.24
N LEU A 272 -14.86 24.81 -10.38
CA LEU A 272 -16.24 24.97 -10.81
C LEU A 272 -16.70 26.40 -10.57
N ARG A 273 -17.55 26.90 -11.45
CA ARG A 273 -18.12 28.24 -11.29
C ARG A 273 -19.55 28.25 -11.80
N TRP A 274 -20.39 29.04 -11.15
CA TRP A 274 -21.76 29.24 -11.59
C TRP A 274 -21.76 30.10 -12.83
N GLU A 275 -21.98 29.50 -13.99
N GLU A 275 -21.95 29.48 -14.00
CA GLU A 275 -22.01 30.27 -15.23
CA GLU A 275 -21.94 30.19 -15.26
C GLU A 275 -22.66 29.49 -16.38
C GLU A 275 -22.69 29.41 -16.33
N MET B 1 -16.98 15.52 33.32
CA MET B 1 -16.69 14.57 32.26
C MET B 1 -16.88 15.20 30.88
N ILE B 2 -16.11 14.71 29.90
CA ILE B 2 -16.21 15.22 28.54
C ILE B 2 -17.60 15.03 27.96
N GLN B 3 -18.12 16.08 27.34
CA GLN B 3 -19.37 16.02 26.60
C GLN B 3 -19.23 16.81 25.30
N ARG B 4 -19.60 16.17 24.20
CA ARG B 4 -19.54 16.78 22.89
C ARG B 4 -20.91 16.67 22.19
N THR B 5 -21.36 17.77 21.61
CA THR B 5 -22.68 17.89 21.03
C THR B 5 -22.73 17.25 19.65
N PRO B 6 -23.77 16.46 19.39
CA PRO B 6 -23.91 15.84 18.08
C PRO B 6 -24.08 16.86 16.97
N LYS B 7 -23.33 16.69 15.89
CA LYS B 7 -23.63 17.36 14.64
C LYS B 7 -24.68 16.48 13.97
N ILE B 8 -25.63 17.09 13.28
CA ILE B 8 -26.74 16.36 12.69
C ILE B 8 -26.91 16.76 11.25
N GLN B 9 -26.84 15.78 10.35
CA GLN B 9 -27.14 16.01 8.94
C GLN B 9 -28.27 15.10 8.49
N VAL B 10 -29.24 15.68 7.79
CA VAL B 10 -30.37 14.94 7.23
C VAL B 10 -30.36 15.08 5.72
N TYR B 11 -30.31 13.96 5.02
CA TYR B 11 -30.12 14.01 3.57
C TYR B 11 -30.48 12.67 2.94
N SER B 12 -30.68 12.68 1.62
CA SER B 12 -30.94 11.44 0.88
C SER B 12 -29.64 10.91 0.28
N ARG B 13 -29.58 9.59 0.12
CA ARG B 13 -28.40 8.96 -0.45
C ARG B 13 -28.13 9.49 -1.86
N HIS B 14 -29.18 9.53 -2.67
CA HIS B 14 -29.11 10.10 -4.00
C HIS B 14 -29.98 11.35 -4.04
N PRO B 15 -29.72 12.23 -5.02
CA PRO B 15 -30.56 13.43 -5.24
C PRO B 15 -32.04 13.06 -5.29
N ALA B 16 -32.85 13.76 -4.50
CA ALA B 16 -34.26 13.44 -4.37
C ALA B 16 -35.06 13.69 -5.64
N GLU B 17 -35.81 12.67 -6.05
CA GLU B 17 -36.74 12.78 -7.18
C GLU B 17 -38.04 12.10 -6.83
N ASN B 18 -39.15 12.83 -6.96
CA ASN B 18 -40.45 12.32 -6.55
C ASN B 18 -40.83 11.04 -7.27
N GLY B 19 -41.22 10.03 -6.50
CA GLY B 19 -41.62 8.75 -7.04
C GLY B 19 -40.51 7.74 -7.25
N LYS B 20 -39.28 8.16 -7.00
CA LYS B 20 -38.12 7.28 -7.17
C LYS B 20 -37.53 6.84 -5.84
N SER B 21 -37.37 5.53 -5.68
CA SER B 21 -36.84 4.97 -4.45
C SER B 21 -35.46 5.52 -4.14
N ASN B 22 -35.14 5.59 -2.85
CA ASN B 22 -33.94 6.27 -2.40
C ASN B 22 -33.71 5.83 -0.95
N PHE B 23 -32.74 6.43 -0.28
CA PHE B 23 -32.56 6.20 1.16
C PHE B 23 -32.53 7.55 1.86
N LEU B 24 -33.25 7.63 2.97
CA LEU B 24 -33.21 8.81 3.81
C LEU B 24 -32.21 8.57 4.94
N ASN B 25 -31.23 9.46 5.05
CA ASN B 25 -30.15 9.36 6.03
C ASN B 25 -30.25 10.41 7.13
N CYS B 26 -29.93 10.01 8.35
CA CYS B 26 -29.65 10.97 9.39
C CYS B 26 -28.29 10.63 9.99
N TYR B 27 -27.32 11.49 9.72
CA TYR B 27 -25.96 11.24 10.14
C TYR B 27 -25.64 12.09 11.38
N VAL B 28 -25.33 11.42 12.49
CA VAL B 28 -24.97 12.11 13.72
C VAL B 28 -23.52 11.84 14.07
N SER B 29 -22.75 12.91 14.22
CA SER B 29 -21.31 12.76 14.45
C SER B 29 -20.81 13.75 15.51
N GLY B 30 -19.59 13.52 15.98
CA GLY B 30 -18.95 14.42 16.91
C GLY B 30 -19.51 14.42 18.31
N PHE B 31 -20.21 13.35 18.71
CA PHE B 31 -20.79 13.31 20.05
C PHE B 31 -20.06 12.43 21.08
N HIS B 32 -20.34 12.69 22.35
CA HIS B 32 -19.75 11.95 23.47
C HIS B 32 -20.51 12.39 24.73
N PRO B 33 -20.92 11.45 25.58
CA PRO B 33 -20.72 9.99 25.46
C PRO B 33 -21.58 9.35 24.36
N SER B 34 -21.59 8.03 24.29
CA SER B 34 -22.15 7.31 23.14
C SER B 34 -23.66 7.14 23.16
N ASP B 35 -24.25 7.26 24.34
N ASP B 35 -24.26 7.25 24.34
CA ASP B 35 -25.71 7.12 24.46
CA ASP B 35 -25.71 7.07 24.44
C ASP B 35 -26.41 8.19 23.64
C ASP B 35 -26.46 8.17 23.68
N ILE B 36 -27.23 7.77 22.68
CA ILE B 36 -27.93 8.72 21.84
C ILE B 36 -29.23 8.14 21.29
N GLU B 37 -30.25 8.99 21.19
CA GLU B 37 -31.53 8.58 20.62
C GLU B 37 -31.69 9.23 19.26
N VAL B 38 -31.98 8.44 18.24
CA VAL B 38 -32.16 8.96 16.89
C VAL B 38 -33.40 8.33 16.26
N ASP B 39 -34.31 9.18 15.80
CA ASP B 39 -35.52 8.73 15.13
C ASP B 39 -35.77 9.50 13.84
N LEU B 40 -36.22 8.80 12.81
CA LEU B 40 -36.62 9.47 11.58
C LEU B 40 -38.13 9.64 11.59
N LEU B 41 -38.60 10.78 11.11
CA LEU B 41 -40.02 11.09 11.10
C LEU B 41 -40.50 11.37 9.69
N LYS B 42 -41.70 10.89 9.38
CA LYS B 42 -42.36 11.21 8.12
C LYS B 42 -43.70 11.83 8.48
N ASN B 43 -43.91 13.06 8.06
CA ASN B 43 -45.17 13.76 8.33
C ASN B 43 -45.56 13.69 9.81
N GLY B 44 -44.60 13.95 10.68
CA GLY B 44 -44.84 14.01 12.10
C GLY B 44 -44.95 12.66 12.80
N GLU B 45 -44.74 11.58 12.05
CA GLU B 45 -44.86 10.23 12.61
C GLU B 45 -43.58 9.43 12.46
N ARG B 46 -43.24 8.68 13.49
CA ARG B 46 -42.00 7.90 13.51
C ARG B 46 -42.01 6.81 12.45
N ILE B 47 -40.93 6.72 11.68
CA ILE B 47 -40.75 5.65 10.72
C ILE B 47 -40.25 4.42 11.47
N GLU B 48 -40.87 3.26 11.20
CA GLU B 48 -40.63 2.05 12.00
C GLU B 48 -39.40 1.24 11.57
N LYS B 49 -39.18 1.12 10.27
CA LYS B 49 -38.08 0.29 9.78
C LYS B 49 -36.85 1.14 9.54
N VAL B 50 -36.17 1.50 10.62
CA VAL B 50 -34.97 2.32 10.53
C VAL B 50 -33.76 1.54 11.04
N GLU B 51 -32.72 1.48 10.23
CA GLU B 51 -31.50 0.80 10.62
C GLU B 51 -30.40 1.80 10.97
N HIS B 52 -29.32 1.31 11.54
CA HIS B 52 -28.17 2.18 11.81
C HIS B 52 -26.84 1.45 11.67
N SER B 53 -25.78 2.22 11.41
CA SER B 53 -24.45 1.66 11.30
C SER B 53 -23.93 1.24 12.66
N ASP B 54 -22.80 0.56 12.67
CA ASP B 54 -22.14 0.14 13.90
C ASP B 54 -21.40 1.34 14.45
N LEU B 55 -21.53 1.55 15.75
CA LEU B 55 -20.85 2.65 16.43
C LEU B 55 -19.35 2.70 16.14
N SER B 56 -18.88 3.82 15.61
CA SER B 56 -17.46 4.05 15.40
C SER B 56 -17.10 5.44 15.90
N PHE B 57 -15.83 5.83 15.79
CA PHE B 57 -15.40 7.12 16.30
C PHE B 57 -14.27 7.76 15.49
N SER B 58 -14.11 9.08 15.63
CA SER B 58 -13.13 9.85 14.86
C SER B 58 -11.85 10.11 15.66
N LYS B 59 -10.95 10.89 15.07
CA LYS B 59 -9.63 11.12 15.66
C LYS B 59 -9.65 11.84 17.00
N ASP B 60 -10.65 12.69 17.22
CA ASP B 60 -10.83 13.32 18.53
C ASP B 60 -11.61 12.42 19.49
N TRP B 61 -11.81 11.16 19.10
CA TRP B 61 -12.54 10.18 19.92
C TRP B 61 -14.06 10.33 19.87
N SER B 62 -14.56 11.37 19.20
CA SER B 62 -16.01 11.61 19.17
C SER B 62 -16.70 10.56 18.30
N PHE B 63 -17.91 10.18 18.69
CA PHE B 63 -18.62 9.08 18.04
C PHE B 63 -19.38 9.51 16.80
N TYR B 64 -19.63 8.56 15.90
CA TYR B 64 -20.51 8.83 14.76
C TYR B 64 -21.39 7.64 14.40
N LEU B 65 -22.61 7.93 13.95
CA LEU B 65 -23.59 6.92 13.56
C LEU B 65 -24.40 7.41 12.38
N LEU B 66 -24.73 6.48 11.48
CA LEU B 66 -25.65 6.73 10.38
C LEU B 66 -26.94 5.96 10.61
N TYR B 67 -28.05 6.68 10.68
CA TYR B 67 -29.37 6.06 10.72
C TYR B 67 -30.00 6.23 9.34
N TYR B 68 -30.67 5.19 8.84
CA TYR B 68 -31.15 5.23 7.47
C TYR B 68 -32.37 4.37 7.23
N THR B 69 -33.20 4.81 6.31
CA THR B 69 -34.36 4.04 5.91
C THR B 69 -34.59 4.19 4.42
N GLU B 70 -35.04 3.12 3.79
CA GLU B 70 -35.39 3.14 2.39
C GLU B 70 -36.70 3.91 2.27
N PHE B 71 -36.80 4.78 1.27
CA PHE B 71 -38.02 5.55 1.12
C PHE B 71 -38.18 6.07 -0.30
N THR B 72 -39.39 6.49 -0.64
CA THR B 72 -39.68 7.11 -1.92
C THR B 72 -40.33 8.48 -1.67
N PRO B 73 -39.58 9.56 -1.94
CA PRO B 73 -40.07 10.91 -1.67
C PRO B 73 -41.21 11.29 -2.61
N THR B 74 -42.19 12.04 -2.10
CA THR B 74 -43.21 12.64 -2.95
C THR B 74 -43.24 14.13 -2.67
N GLU B 75 -43.93 14.89 -3.53
CA GLU B 75 -43.89 16.34 -3.45
C GLU B 75 -44.35 16.89 -2.10
N LYS B 76 -45.33 16.23 -1.49
CA LYS B 76 -45.97 16.77 -0.29
C LYS B 76 -45.51 16.17 1.04
N ASP B 77 -44.76 15.07 0.99
CA ASP B 77 -44.28 14.42 2.21
C ASP B 77 -43.14 15.21 2.86
N GLU B 78 -43.22 15.36 4.19
CA GLU B 78 -42.18 16.03 4.97
C GLU B 78 -41.41 15.03 5.83
N TYR B 79 -40.10 15.23 5.94
CA TYR B 79 -39.29 14.31 6.73
C TYR B 79 -38.39 15.08 7.71
N ALA B 80 -38.02 14.42 8.80
CA ALA B 80 -37.19 15.04 9.83
C ALA B 80 -36.46 13.98 10.64
N CYS B 81 -35.39 14.40 11.31
CA CYS B 81 -34.66 13.53 12.21
C CYS B 81 -34.72 14.11 13.63
N ARG B 82 -35.06 13.28 14.60
N ARG B 82 -35.03 13.26 14.60
CA ARG B 82 -35.03 13.73 15.99
CA ARG B 82 -35.06 13.64 16.00
C ARG B 82 -33.89 13.07 16.75
C ARG B 82 -33.86 13.05 16.75
N VAL B 83 -33.10 13.89 17.43
CA VAL B 83 -31.94 13.43 18.15
C VAL B 83 -31.99 13.85 19.61
N ASN B 84 -31.79 12.91 20.51
CA ASN B 84 -31.64 13.23 21.92
C ASN B 84 -30.28 12.80 22.43
N HIS B 85 -29.61 13.70 23.14
CA HIS B 85 -28.29 13.45 23.70
C HIS B 85 -28.10 14.32 24.94
N VAL B 86 -27.28 13.85 25.89
CA VAL B 86 -27.09 14.54 27.15
C VAL B 86 -26.74 16.03 26.99
N THR B 87 -26.03 16.37 25.91
CA THR B 87 -25.63 17.75 25.67
C THR B 87 -26.77 18.63 25.18
N LEU B 88 -27.92 18.03 24.88
CA LEU B 88 -29.07 18.78 24.40
C LEU B 88 -30.07 19.01 25.53
N SER B 89 -30.36 20.28 25.82
CA SER B 89 -31.34 20.61 26.86
C SER B 89 -32.73 20.08 26.49
N GLN B 90 -33.01 20.06 25.19
N GLN B 90 -33.05 20.10 25.20
CA GLN B 90 -34.24 19.49 24.64
CA GLN B 90 -34.26 19.47 24.68
C GLN B 90 -33.88 18.67 23.40
C GLN B 90 -33.89 18.67 23.42
N PRO B 91 -34.67 17.62 23.12
CA PRO B 91 -34.44 16.84 21.90
C PRO B 91 -34.47 17.75 20.69
N LYS B 92 -33.60 17.49 19.72
CA LYS B 92 -33.48 18.33 18.53
C LYS B 92 -34.11 17.65 17.32
N ILE B 93 -35.06 18.33 16.69
CA ILE B 93 -35.68 17.85 15.47
C ILE B 93 -35.20 18.66 14.28
N VAL B 94 -34.52 17.99 13.36
CA VAL B 94 -33.98 18.62 12.15
C VAL B 94 -34.74 18.19 10.90
N LYS B 95 -35.35 19.14 10.20
CA LYS B 95 -36.13 18.85 9.01
C LYS B 95 -35.24 18.55 7.82
N TRP B 96 -35.69 17.66 6.95
CA TRP B 96 -34.98 17.37 5.72
C TRP B 96 -35.26 18.46 4.69
N ASP B 97 -34.22 19.11 4.20
CA ASP B 97 -34.35 20.06 3.10
C ASP B 97 -33.83 19.40 1.83
N ARG B 98 -34.76 18.95 0.98
CA ARG B 98 -34.42 18.16 -0.19
C ARG B 98 -33.93 19.03 -1.35
N ASP B 99 -34.17 20.34 -1.23
CA ASP B 99 -33.79 21.29 -2.27
C ASP B 99 -32.61 22.14 -1.83
N MET B 100 -31.43 21.52 -1.77
CA MET B 100 -30.22 22.22 -1.35
C MET B 100 -29.13 22.21 -2.43
N ILE C 1 -7.33 -9.09 10.26
CA ILE C 1 -7.31 -9.97 11.42
C ILE C 1 -6.93 -9.24 12.70
N LEU C 2 -7.70 -9.46 13.76
CA LEU C 2 -7.47 -8.87 15.09
C LEU C 2 -6.18 -9.39 15.72
N LYS C 3 -5.71 -8.68 16.74
N LYS C 3 -5.70 -8.69 16.74
CA LYS C 3 -4.54 -9.11 17.50
CA LYS C 3 -4.51 -9.16 17.45
C LYS C 3 -4.89 -10.19 18.51
C LYS C 3 -4.89 -10.17 18.53
N GLU C 4 -3.87 -10.76 19.14
CA GLU C 4 -4.04 -11.82 20.13
C GLU C 4 -2.70 -12.01 20.85
N PRO C 5 -2.66 -11.86 22.20
CA PRO C 5 -3.68 -11.58 23.22
C PRO C 5 -3.68 -10.14 23.75
N VAL C 6 -4.63 -9.83 24.62
CA VAL C 6 -4.92 -8.44 25.03
C VAL C 6 -4.65 -8.18 26.52
N HIS C 7 -3.78 -7.20 26.81
CA HIS C 7 -3.38 -6.91 28.18
C HIS C 7 -4.20 -5.79 28.82
N GLY C 8 -4.66 -6.03 30.05
CA GLY C 8 -5.44 -5.04 30.78
C GLY C 8 -4.62 -3.85 31.23
N VAL C 9 -5.27 -2.70 31.40
CA VAL C 9 -4.59 -1.50 31.85
C VAL C 9 -4.27 -1.57 33.34
N GLY D 1 0.37 -17.38 -0.67
CA GLY D 1 0.58 -15.98 -1.00
C GLY D 1 0.29 -15.72 -2.46
N SER D 2 0.49 -14.49 -2.90
CA SER D 2 0.30 -14.12 -4.30
C SER D 2 1.59 -14.32 -5.10
N HIS D 3 1.47 -14.41 -6.42
CA HIS D 3 2.62 -14.69 -7.27
C HIS D 3 2.57 -13.88 -8.55
N SER D 4 3.70 -13.79 -9.24
CA SER D 4 3.79 -13.03 -10.46
C SER D 4 4.62 -13.75 -11.50
N MET D 5 4.29 -13.52 -12.76
CA MET D 5 5.15 -13.93 -13.86
C MET D 5 5.47 -12.68 -14.64
N ARG D 6 6.74 -12.48 -14.97
CA ARG D 6 7.15 -11.30 -15.70
C ARG D 6 8.22 -11.63 -16.75
N TYR D 7 8.05 -11.06 -17.94
CA TYR D 7 9.01 -11.17 -19.02
C TYR D 7 9.66 -9.82 -19.28
N PHE D 8 10.99 -9.82 -19.41
CA PHE D 8 11.74 -8.59 -19.66
C PHE D 8 12.47 -8.68 -21.00
N PHE D 9 12.25 -7.69 -21.87
CA PHE D 9 12.86 -7.69 -23.19
C PHE D 9 13.69 -6.43 -23.39
N THR D 10 14.93 -6.60 -23.79
CA THR D 10 15.82 -5.48 -24.09
C THR D 10 16.38 -5.58 -25.50
N SER D 11 16.31 -4.48 -26.24
CA SER D 11 16.81 -4.45 -27.60
C SER D 11 17.72 -3.23 -27.79
N VAL D 12 18.94 -3.48 -28.24
CA VAL D 12 19.94 -2.40 -28.35
C VAL D 12 20.55 -2.31 -29.75
N SER D 13 20.27 -1.21 -30.44
CA SER D 13 20.81 -1.00 -31.78
C SER D 13 22.32 -0.85 -31.77
N ARG D 14 22.98 -1.48 -32.73
CA ARG D 14 24.42 -1.44 -32.83
C ARG D 14 24.78 -1.08 -34.26
N PRO D 15 24.64 0.19 -34.63
CA PRO D 15 24.84 0.68 -36.00
C PRO D 15 26.22 0.31 -36.53
N GLY D 16 26.27 -0.25 -37.74
CA GLY D 16 27.53 -0.64 -38.34
C GLY D 16 28.21 -1.77 -37.59
N ARG D 17 27.43 -2.49 -36.79
CA ARG D 17 27.95 -3.62 -36.02
C ARG D 17 26.93 -4.75 -35.99
N GLY D 18 26.21 -4.91 -37.10
CA GLY D 18 25.24 -5.99 -37.23
C GLY D 18 23.88 -5.66 -36.63
N GLU D 19 22.94 -6.58 -36.78
CA GLU D 19 21.60 -6.44 -36.23
C GLU D 19 21.65 -6.08 -34.75
N PRO D 20 20.56 -5.46 -34.24
CA PRO D 20 20.50 -5.06 -32.83
C PRO D 20 20.57 -6.25 -31.90
N ARG D 21 21.18 -6.06 -30.73
CA ARG D 21 21.18 -7.09 -29.70
C ARG D 21 19.79 -7.23 -29.11
N PHE D 22 19.34 -8.47 -28.92
CA PHE D 22 18.04 -8.73 -28.31
C PHE D 22 18.20 -9.74 -27.19
N ILE D 23 17.73 -9.36 -26.00
CA ILE D 23 17.80 -10.23 -24.84
C ILE D 23 16.43 -10.33 -24.20
N ALA D 24 15.99 -11.56 -23.94
CA ALA D 24 14.73 -11.79 -23.27
C ALA D 24 14.96 -12.65 -22.04
N VAL D 25 14.27 -12.33 -20.95
CA VAL D 25 14.32 -13.14 -19.75
C VAL D 25 12.93 -13.27 -19.13
N GLY D 26 12.66 -14.43 -18.54
CA GLY D 26 11.40 -14.68 -17.85
C GLY D 26 11.60 -14.99 -16.38
N TYR D 27 10.72 -14.48 -15.54
CA TYR D 27 10.77 -14.72 -14.10
C TYR D 27 9.42 -15.18 -13.57
N VAL D 28 9.44 -16.14 -12.65
CA VAL D 28 8.30 -16.40 -11.80
C VAL D 28 8.70 -15.94 -10.40
N ASP D 29 7.97 -14.97 -9.88
CA ASP D 29 8.36 -14.31 -8.64
C ASP D 29 9.81 -13.80 -8.77
N ASP D 30 10.69 -14.17 -7.85
CA ASP D 30 12.09 -13.76 -7.93
C ASP D 30 13.00 -14.83 -8.55
N THR D 31 12.42 -15.76 -9.31
CA THR D 31 13.20 -16.86 -9.87
C THR D 31 13.18 -16.86 -11.40
N GLN D 32 14.35 -16.71 -12.01
CA GLN D 32 14.45 -16.74 -13.46
C GLN D 32 14.28 -18.16 -13.99
N PHE D 33 13.63 -18.31 -15.13
CA PHE D 33 13.38 -19.66 -15.63
C PHE D 33 13.63 -19.83 -17.14
N VAL D 34 13.64 -18.73 -17.89
CA VAL D 34 14.02 -18.79 -19.30
C VAL D 34 14.84 -17.59 -19.72
N ARG D 35 15.49 -17.72 -20.88
CA ARG D 35 16.21 -16.60 -21.46
C ARG D 35 16.41 -16.84 -22.95
N PHE D 36 16.51 -15.74 -23.69
CA PHE D 36 16.91 -15.78 -25.08
C PHE D 36 17.95 -14.70 -25.31
N ASP D 37 19.04 -15.06 -25.96
CA ASP D 37 20.08 -14.09 -26.28
C ASP D 37 20.42 -14.23 -27.75
N SER D 38 20.15 -13.19 -28.53
CA SER D 38 20.39 -13.21 -29.96
C SER D 38 21.86 -13.45 -30.31
N ASP D 39 22.76 -13.22 -29.37
CA ASP D 39 24.18 -13.45 -29.62
C ASP D 39 24.63 -14.84 -29.19
N ALA D 40 23.70 -15.62 -28.64
CA ALA D 40 24.01 -16.98 -28.19
C ALA D 40 24.02 -17.94 -29.36
N ALA D 41 24.63 -19.11 -29.17
CA ALA D 41 24.77 -20.10 -30.23
C ALA D 41 23.45 -20.74 -30.67
N SER D 42 22.64 -21.14 -29.70
CA SER D 42 21.46 -21.96 -29.95
C SER D 42 20.38 -21.30 -30.81
N GLN D 43 20.21 -19.99 -30.66
CA GLN D 43 19.09 -19.30 -31.30
C GLN D 43 17.75 -19.85 -30.84
N ARG D 44 17.68 -20.28 -29.59
CA ARG D 44 16.46 -20.84 -29.02
C ARG D 44 16.20 -20.23 -27.65
N MET D 45 14.95 -20.22 -27.23
CA MET D 45 14.64 -19.95 -25.83
C MET D 45 15.27 -21.08 -25.02
N GLU D 46 15.86 -20.74 -23.88
CA GLU D 46 16.59 -21.72 -23.08
C GLU D 46 16.13 -21.73 -21.63
N PRO D 47 16.28 -22.90 -20.97
CA PRO D 47 15.87 -23.07 -19.58
C PRO D 47 16.89 -22.44 -18.64
N ARG D 48 16.42 -21.85 -17.54
CA ARG D 48 17.33 -21.27 -16.54
C ARG D 48 16.93 -21.74 -15.14
N ALA D 49 15.96 -22.64 -15.08
CA ALA D 49 15.54 -23.27 -13.83
C ALA D 49 15.38 -24.76 -14.08
N PRO D 50 15.74 -25.59 -13.08
CA PRO D 50 15.64 -27.04 -13.22
C PRO D 50 14.22 -27.52 -13.46
N TRP D 51 13.23 -26.84 -12.88
CA TRP D 51 11.84 -27.29 -12.98
C TRP D 51 11.21 -27.03 -14.35
N ILE D 52 11.90 -26.29 -15.21
CA ILE D 52 11.35 -25.97 -16.53
C ILE D 52 12.05 -26.78 -17.62
N GLU D 53 13.18 -27.38 -17.26
CA GLU D 53 14.01 -28.10 -18.24
C GLU D 53 13.29 -29.26 -18.94
N GLN D 54 12.34 -29.87 -18.25
CA GLN D 54 11.63 -31.03 -18.80
C GLN D 54 10.24 -30.69 -19.34
N GLU D 55 10.07 -29.46 -19.79
CA GLU D 55 8.77 -29.00 -20.28
C GLU D 55 8.37 -29.69 -21.60
N GLY D 56 9.36 -30.06 -22.42
CA GLY D 56 9.11 -30.80 -23.65
C GLY D 56 9.35 -29.97 -24.90
N PRO D 57 9.53 -30.63 -26.05
CA PRO D 57 9.86 -29.99 -27.32
C PRO D 57 8.81 -28.98 -27.79
N GLU D 58 7.52 -29.30 -27.64
CA GLU D 58 6.46 -28.37 -28.01
C GLU D 58 6.63 -27.02 -27.29
N TYR D 59 6.87 -27.08 -25.99
CA TYR D 59 7.07 -25.85 -25.22
C TYR D 59 8.26 -25.05 -25.76
N TRP D 60 9.40 -25.71 -25.92
CA TRP D 60 10.61 -25.01 -26.39
C TRP D 60 10.53 -24.53 -27.82
N ASP D 61 9.98 -25.34 -28.72
CA ASP D 61 9.75 -24.89 -30.09
C ASP D 61 8.83 -23.65 -30.11
N GLY D 62 7.79 -23.66 -29.30
CA GLY D 62 6.82 -22.58 -29.27
C GLY D 62 7.38 -21.28 -28.72
N GLU D 63 8.09 -21.36 -27.60
CA GLU D 63 8.69 -20.17 -27.01
C GLU D 63 9.77 -19.61 -27.92
N THR D 64 10.52 -20.49 -28.57
CA THR D 64 11.56 -20.04 -29.50
C THR D 64 10.94 -19.30 -30.67
N ARG D 65 9.88 -19.85 -31.23
CA ARG D 65 9.19 -19.22 -32.35
C ARG D 65 8.69 -17.83 -31.96
N LYS D 66 8.03 -17.74 -30.82
CA LYS D 66 7.44 -16.47 -30.38
C LYS D 66 8.51 -15.43 -30.03
N VAL D 67 9.58 -15.86 -29.37
CA VAL D 67 10.61 -14.92 -28.93
C VAL D 67 11.38 -14.35 -30.12
N LYS D 68 11.40 -15.08 -31.24
CA LYS D 68 11.98 -14.57 -32.48
C LYS D 68 11.05 -13.52 -33.07
N ALA D 69 9.75 -13.78 -32.95
CA ALA D 69 8.75 -12.81 -33.38
C ALA D 69 8.91 -11.51 -32.59
N HIS D 70 9.14 -11.64 -31.29
CA HIS D 70 9.40 -10.49 -30.45
C HIS D 70 10.66 -9.78 -30.92
N SER D 71 11.72 -10.56 -31.16
CA SER D 71 13.00 -10.02 -31.59
C SER D 71 12.88 -9.20 -32.89
N GLN D 72 12.02 -9.66 -33.80
CA GLN D 72 11.86 -9.00 -35.08
C GLN D 72 11.03 -7.73 -34.94
N THR D 73 9.98 -7.80 -34.13
CA THR D 73 9.18 -6.62 -33.81
C THR D 73 10.08 -5.51 -33.26
N HIS D 74 10.92 -5.84 -32.30
CA HIS D 74 11.79 -4.86 -31.70
C HIS D 74 12.85 -4.33 -32.66
N ARG D 75 13.21 -5.14 -33.66
N ARG D 75 13.24 -5.15 -33.65
CA ARG D 75 14.16 -4.75 -34.69
CA ARG D 75 14.17 -4.68 -34.67
C ARG D 75 13.58 -3.61 -35.53
C ARG D 75 13.55 -3.52 -35.44
N VAL D 76 12.28 -3.69 -35.81
CA VAL D 76 11.57 -2.67 -36.54
C VAL D 76 11.27 -1.46 -35.64
N ASP D 77 10.97 -1.74 -34.39
CA ASP D 77 10.70 -0.69 -33.41
C ASP D 77 11.85 0.32 -33.34
N LEU D 78 13.08 -0.18 -33.41
CA LEU D 78 14.25 0.68 -33.26
C LEU D 78 14.34 1.66 -34.42
N GLY D 79 14.02 1.20 -35.62
CA GLY D 79 14.00 2.07 -36.80
C GLY D 79 12.86 3.06 -36.70
N THR D 80 11.70 2.59 -36.27
CA THR D 80 10.51 3.41 -36.14
C THR D 80 10.72 4.54 -35.15
N LEU D 81 11.25 4.20 -33.98
CA LEU D 81 11.46 5.18 -32.91
C LEU D 81 12.52 6.22 -33.29
N ARG D 82 13.53 5.79 -34.05
CA ARG D 82 14.50 6.73 -34.59
C ARG D 82 13.80 7.67 -35.55
N GLY D 83 12.80 7.14 -36.25
CA GLY D 83 12.05 7.91 -37.23
C GLY D 83 11.00 8.82 -36.63
N TYR D 84 10.63 8.57 -35.39
CA TYR D 84 9.68 9.43 -34.68
C TYR D 84 10.41 10.61 -34.04
N TYR D 85 11.64 10.36 -33.61
CA TYR D 85 12.42 11.37 -32.89
C TYR D 85 13.47 12.02 -33.78
N ASN D 86 13.51 11.61 -35.04
CA ASN D 86 14.49 12.14 -36.00
C ASN D 86 15.90 12.11 -35.41
N GLN D 87 16.38 10.91 -35.09
CA GLN D 87 17.69 10.75 -34.47
C GLN D 87 18.74 10.25 -35.47
N SER D 88 20.00 10.52 -35.16
CA SER D 88 21.10 10.16 -36.07
C SER D 88 21.24 8.65 -36.22
N GLU D 89 21.74 8.24 -37.37
CA GLU D 89 21.85 6.82 -37.73
C GLU D 89 23.02 6.13 -37.01
N ALA D 90 23.96 6.91 -36.52
CA ALA D 90 25.21 6.37 -35.98
C ALA D 90 25.11 6.00 -34.50
N GLY D 91 24.07 6.48 -33.83
CA GLY D 91 23.94 6.29 -32.39
C GLY D 91 23.21 5.03 -31.97
N SER D 92 23.69 4.43 -30.89
CA SER D 92 23.04 3.25 -30.31
C SER D 92 21.86 3.65 -29.43
N HIS D 93 20.75 2.94 -29.58
CA HIS D 93 19.57 3.24 -28.78
C HIS D 93 18.97 1.98 -28.15
N THR D 94 18.13 2.17 -27.13
CA THR D 94 17.63 1.05 -26.34
C THR D 94 16.12 1.04 -26.25
N VAL D 95 15.52 -0.11 -26.54
CA VAL D 95 14.11 -0.30 -26.27
C VAL D 95 13.93 -1.34 -25.16
N GLN D 96 12.97 -1.11 -24.29
CA GLN D 96 12.72 -2.03 -23.19
C GLN D 96 11.24 -2.30 -23.09
N ARG D 97 10.91 -3.56 -22.82
CA ARG D 97 9.53 -3.99 -22.69
C ARG D 97 9.41 -4.96 -21.53
N MET D 98 8.40 -4.75 -20.68
CA MET D 98 8.13 -5.65 -19.58
C MET D 98 6.64 -5.93 -19.58
N TYR D 99 6.26 -7.20 -19.54
CA TYR D 99 4.86 -7.53 -19.29
C TYR D 99 4.77 -8.75 -18.39
N GLY D 100 3.59 -8.95 -17.80
CA GLY D 100 3.37 -10.07 -16.92
C GLY D 100 2.04 -9.98 -16.20
N CYS D 101 1.82 -10.91 -15.28
CA CYS D 101 0.56 -10.98 -14.55
C CYS D 101 0.78 -11.49 -13.14
N ASP D 102 -0.15 -11.15 -12.26
CA ASP D 102 -0.13 -11.62 -10.87
C ASP D 102 -1.39 -12.42 -10.58
N VAL D 103 -1.27 -13.42 -9.72
CA VAL D 103 -2.43 -14.13 -9.20
C VAL D 103 -2.45 -13.96 -7.69
N GLY D 104 -3.63 -14.09 -7.09
CA GLY D 104 -3.77 -13.99 -5.65
C GLY D 104 -3.38 -15.28 -4.95
N SER D 105 -3.65 -15.34 -3.65
CA SER D 105 -3.42 -16.55 -2.88
C SER D 105 -4.25 -17.71 -3.43
N ASP D 106 -5.46 -17.38 -3.88
CA ASP D 106 -6.34 -18.38 -4.49
C ASP D 106 -5.87 -18.78 -5.88
N TRP D 107 -4.90 -18.03 -6.41
CA TRP D 107 -4.38 -18.23 -7.76
C TRP D 107 -5.34 -17.68 -8.82
N ARG D 108 -6.25 -16.82 -8.38
CA ARG D 108 -7.11 -16.07 -9.30
C ARG D 108 -6.31 -14.91 -9.91
N PHE D 109 -6.66 -14.54 -11.13
CA PHE D 109 -6.06 -13.35 -11.75
C PHE D 109 -6.18 -12.16 -10.80
N LEU D 110 -5.10 -11.43 -10.64
CA LEU D 110 -5.08 -10.28 -9.74
C LEU D 110 -4.88 -8.99 -10.51
N ARG D 111 -3.87 -8.97 -11.38
CA ARG D 111 -3.60 -7.81 -12.22
C ARG D 111 -2.68 -8.19 -13.37
N GLY D 112 -2.73 -7.40 -14.43
CA GLY D 112 -1.87 -7.58 -15.59
C GLY D 112 -1.19 -6.25 -15.88
N TYR D 113 -0.06 -6.31 -16.58
CA TYR D 113 0.67 -5.10 -16.89
C TYR D 113 1.53 -5.24 -18.15
N HIS D 114 1.72 -4.12 -18.83
CA HIS D 114 2.51 -4.06 -20.05
C HIS D 114 3.15 -2.68 -20.17
N GLN D 115 4.46 -2.62 -20.04
CA GLN D 115 5.18 -1.35 -20.05
C GLN D 115 6.28 -1.34 -21.11
N TYR D 116 6.49 -0.18 -21.72
CA TYR D 116 7.41 -0.03 -22.83
C TYR D 116 8.21 1.24 -22.62
N ALA D 117 9.52 1.18 -22.86
CA ALA D 117 10.37 2.34 -22.65
C ALA D 117 11.37 2.51 -23.78
N TYR D 118 11.70 3.77 -24.09
CA TYR D 118 12.71 4.07 -25.09
C TYR D 118 13.85 4.88 -24.46
N ASP D 119 15.07 4.42 -24.68
CA ASP D 119 16.26 5.02 -24.09
C ASP D 119 16.09 5.33 -22.61
N GLY D 120 15.65 4.32 -21.85
CA GLY D 120 15.63 4.40 -20.40
C GLY D 120 14.48 5.23 -19.84
N LYS D 121 13.51 5.55 -20.68
CA LYS D 121 12.43 6.43 -20.27
C LYS D 121 11.08 5.82 -20.64
N ASP D 122 10.10 5.96 -19.75
CA ASP D 122 8.73 5.57 -20.05
C ASP D 122 8.33 6.08 -21.43
N TYR D 123 7.73 5.19 -22.23
CA TYR D 123 7.27 5.55 -23.56
C TYR D 123 5.76 5.37 -23.64
N ILE D 124 5.31 4.14 -23.41
CA ILE D 124 3.88 3.86 -23.38
C ILE D 124 3.55 2.69 -22.45
N ALA D 125 2.44 2.81 -21.73
CA ALA D 125 2.06 1.79 -20.75
C ALA D 125 0.58 1.45 -20.80
N LEU D 126 0.27 0.16 -20.64
CA LEU D 126 -1.10 -0.28 -20.51
C LEU D 126 -1.61 0.13 -19.14
N LYS D 127 -2.78 0.79 -19.09
CA LYS D 127 -3.33 1.20 -17.80
C LYS D 127 -3.91 -0.01 -17.06
N GLU D 128 -4.14 0.15 -15.75
CA GLU D 128 -4.58 -0.94 -14.90
C GLU D 128 -5.80 -1.67 -15.44
N ASP D 129 -6.70 -0.94 -16.10
CA ASP D 129 -7.93 -1.52 -16.62
C ASP D 129 -7.70 -2.47 -17.80
N LEU D 130 -6.51 -2.41 -18.39
CA LEU D 130 -6.16 -3.22 -19.55
C LEU D 130 -7.00 -2.90 -20.78
N ARG D 131 -7.52 -1.67 -20.85
CA ARG D 131 -8.38 -1.27 -21.96
C ARG D 131 -7.85 -0.04 -22.69
N SER D 132 -6.97 0.71 -22.02
CA SER D 132 -6.47 1.96 -22.56
C SER D 132 -4.96 2.14 -22.31
N TRP D 133 -4.43 3.26 -22.79
CA TRP D 133 -2.99 3.49 -22.79
C TRP D 133 -2.58 4.83 -22.16
N THR D 134 -1.35 4.87 -21.68
CA THR D 134 -0.76 6.09 -21.16
C THR D 134 0.50 6.43 -21.95
N ALA D 135 0.41 7.47 -22.78
CA ALA D 135 1.55 7.89 -23.60
C ALA D 135 2.40 8.89 -22.84
N ALA D 136 3.72 8.68 -22.86
CA ALA D 136 4.63 9.51 -22.10
C ALA D 136 4.88 10.87 -22.76
N ASP D 137 4.81 10.91 -24.09
CA ASP D 137 5.05 12.15 -24.82
C ASP D 137 4.34 12.20 -26.17
N MET D 138 4.76 13.12 -27.02
CA MET D 138 4.09 13.36 -28.29
C MET D 138 4.30 12.19 -29.26
N ALA D 139 5.54 11.71 -29.34
CA ALA D 139 5.85 10.57 -30.20
C ALA D 139 5.08 9.34 -29.74
N ALA D 140 4.97 9.17 -28.44
CA ALA D 140 4.24 8.04 -27.85
C ALA D 140 2.76 8.12 -28.20
N GLN D 141 2.30 9.33 -28.54
CA GLN D 141 0.91 9.53 -28.94
C GLN D 141 0.60 8.81 -30.24
N THR D 142 1.54 8.88 -31.18
CA THR D 142 1.37 8.20 -32.46
C THR D 142 1.14 6.71 -32.22
N THR D 143 1.99 6.12 -31.39
CA THR D 143 1.83 4.72 -31.03
C THR D 143 0.49 4.48 -30.35
N LYS D 144 0.17 5.34 -29.38
CA LYS D 144 -1.08 5.22 -28.64
C LYS D 144 -2.27 5.16 -29.58
N HIS D 145 -2.35 6.11 -30.50
CA HIS D 145 -3.43 6.14 -31.49
C HIS D 145 -3.41 4.88 -32.36
N LYS D 146 -2.21 4.44 -32.74
CA LYS D 146 -2.06 3.28 -33.61
C LYS D 146 -2.52 1.99 -32.93
N TRP D 147 -2.20 1.84 -31.65
CA TRP D 147 -2.58 0.63 -30.93
C TRP D 147 -4.05 0.64 -30.52
N GLU D 148 -4.58 1.83 -30.25
CA GLU D 148 -5.99 1.98 -29.93
C GLU D 148 -6.84 1.53 -31.12
N ALA D 149 -6.37 1.82 -32.32
CA ALA D 149 -7.09 1.45 -33.54
C ALA D 149 -6.89 -0.02 -33.90
N ALA D 150 -5.76 -0.58 -33.49
CA ALA D 150 -5.45 -1.97 -33.80
C ALA D 150 -5.99 -2.92 -32.74
N HIS D 151 -6.69 -2.36 -31.76
CA HIS D 151 -7.26 -3.14 -30.65
C HIS D 151 -6.22 -4.04 -30.01
N VAL D 152 -5.01 -3.51 -29.84
CA VAL D 152 -3.92 -4.25 -29.23
C VAL D 152 -4.20 -4.50 -27.76
N ALA D 153 -4.85 -3.55 -27.11
CA ALA D 153 -5.20 -3.68 -25.69
C ALA D 153 -6.06 -4.92 -25.45
N GLU D 154 -7.04 -5.14 -26.32
CA GLU D 154 -7.92 -6.31 -26.20
C GLU D 154 -7.11 -7.59 -26.28
N GLN D 155 -6.14 -7.61 -27.20
CA GLN D 155 -5.29 -8.77 -27.37
CA GLN D 155 -5.28 -8.76 -27.38
C GLN D 155 -4.47 -9.06 -26.11
N LEU D 156 -3.91 -8.01 -25.53
CA LEU D 156 -3.11 -8.13 -24.31
C LEU D 156 -3.95 -8.59 -23.11
N ARG D 157 -5.13 -8.00 -22.95
CA ARG D 157 -6.03 -8.39 -21.87
C ARG D 157 -6.37 -9.87 -21.94
N ALA D 158 -6.56 -10.37 -23.16
CA ALA D 158 -6.86 -11.78 -23.38
C ALA D 158 -5.68 -12.65 -22.94
N TYR D 159 -4.48 -12.24 -23.32
CA TYR D 159 -3.27 -12.96 -22.92
C TYR D 159 -3.09 -12.92 -21.40
N LEU D 160 -3.14 -11.72 -20.83
CA LEU D 160 -2.86 -11.52 -19.41
C LEU D 160 -3.84 -12.26 -18.52
N GLU D 161 -5.11 -12.23 -18.88
CA GLU D 161 -6.15 -12.87 -18.08
C GLU D 161 -6.29 -14.36 -18.41
N GLY D 162 -5.70 -14.78 -19.52
CA GLY D 162 -5.79 -16.18 -19.93
C GLY D 162 -4.47 -16.93 -19.87
N THR D 163 -3.76 -16.93 -20.99
CA THR D 163 -2.51 -17.67 -21.12
C THR D 163 -1.51 -17.34 -20.01
N CYS D 164 -1.41 -16.07 -19.65
CA CYS D 164 -0.43 -15.63 -18.67
C CYS D 164 -0.63 -16.31 -17.32
N VAL D 165 -1.83 -16.19 -16.75
CA VAL D 165 -2.09 -16.77 -15.43
C VAL D 165 -2.24 -18.28 -15.48
N GLU D 166 -2.73 -18.80 -16.61
CA GLU D 166 -2.85 -20.24 -16.78
C GLU D 166 -1.48 -20.90 -16.67
N TRP D 167 -0.51 -20.34 -17.36
CA TRP D 167 0.84 -20.89 -17.34
C TRP D 167 1.66 -20.56 -16.09
N LEU D 168 1.39 -19.39 -15.49
CA LEU D 168 1.97 -19.09 -14.19
C LEU D 168 1.60 -20.20 -13.20
N ARG D 169 0.33 -20.57 -13.18
CA ARG D 169 -0.14 -21.62 -12.26
C ARG D 169 0.52 -22.96 -12.57
N ARG D 170 0.69 -23.25 -13.85
CA ARG D 170 1.37 -24.46 -14.28
C ARG D 170 2.84 -24.48 -13.80
N TYR D 171 3.53 -23.36 -13.93
CA TYR D 171 4.90 -23.26 -13.45
C TYR D 171 4.99 -23.41 -11.93
N LEU D 172 4.08 -22.75 -11.22
CA LEU D 172 4.04 -22.85 -9.76
C LEU D 172 3.91 -24.31 -9.33
N GLU D 173 3.11 -25.07 -10.08
CA GLU D 173 2.96 -26.50 -9.82
C GLU D 173 4.23 -27.27 -10.16
N ASN D 174 4.77 -27.03 -11.36
CA ASN D 174 5.98 -27.69 -11.84
C ASN D 174 7.15 -27.51 -10.90
N GLY D 175 7.36 -26.28 -10.45
CA GLY D 175 8.47 -25.96 -9.57
C GLY D 175 8.00 -25.66 -8.16
N LYS D 176 7.01 -26.39 -7.70
CA LYS D 176 6.42 -26.17 -6.39
C LYS D 176 7.43 -26.27 -5.27
N GLU D 177 8.54 -26.95 -5.53
CA GLU D 177 9.60 -27.11 -4.54
C GLU D 177 10.46 -25.86 -4.45
N THR D 178 10.73 -25.26 -5.60
CA THR D 178 11.56 -24.07 -5.69
C THR D 178 10.74 -22.81 -5.45
N LEU D 179 9.61 -22.71 -6.14
CA LEU D 179 8.82 -21.49 -6.16
C LEU D 179 7.94 -21.30 -4.94
N GLN D 180 7.42 -22.40 -4.39
CA GLN D 180 6.47 -22.27 -3.29
C GLN D 180 7.17 -22.38 -1.94
N ARG D 181 8.48 -22.18 -1.95
CA ARG D 181 9.29 -22.18 -0.73
C ARG D 181 9.52 -20.76 -0.24
N THR D 182 9.68 -20.60 1.06
CA THR D 182 10.28 -19.39 1.60
C THR D 182 11.51 -19.80 2.39
N ASP D 183 12.64 -19.19 2.09
CA ASP D 183 13.86 -19.40 2.85
C ASP D 183 14.05 -18.20 3.77
N ALA D 184 13.90 -18.42 5.08
CA ALA D 184 14.11 -17.38 6.07
C ALA D 184 15.58 -16.98 6.09
N PRO D 185 15.84 -15.68 6.27
CA PRO D 185 17.22 -15.19 6.31
C PRO D 185 18.00 -15.75 7.49
N LYS D 186 19.23 -16.16 7.24
CA LYS D 186 20.15 -16.46 8.32
C LYS D 186 20.85 -15.15 8.63
N THR D 187 20.76 -14.71 9.87
CA THR D 187 21.25 -13.39 10.24
C THR D 187 22.43 -13.45 11.19
N HIS D 188 23.25 -12.40 11.16
CA HIS D 188 24.28 -12.20 12.17
C HIS D 188 24.77 -10.76 12.16
N MET D 189 25.47 -10.37 13.22
CA MET D 189 26.03 -9.03 13.32
C MET D 189 27.54 -9.11 13.35
N THR D 190 28.20 -8.13 12.73
CA THR D 190 29.65 -8.03 12.82
C THR D 190 30.06 -6.68 13.40
N HIS D 191 31.27 -6.61 13.93
CA HIS D 191 31.75 -5.45 14.64
C HIS D 191 33.18 -5.16 14.19
N HIS D 192 33.42 -3.95 13.71
CA HIS D 192 34.75 -3.55 13.23
C HIS D 192 35.11 -2.14 13.67
N ALA D 193 36.29 -2.00 14.25
CA ALA D 193 36.76 -0.69 14.68
C ALA D 193 36.99 0.23 13.49
N VAL D 194 36.54 1.48 13.61
CA VAL D 194 36.76 2.50 12.60
C VAL D 194 37.90 3.40 13.06
N SER D 195 37.97 3.59 14.37
CA SER D 195 39.01 4.38 15.00
C SER D 195 39.27 3.84 16.39
N ASP D 196 39.47 4.72 17.36
CA ASP D 196 39.58 4.31 18.75
C ASP D 196 38.26 4.61 19.44
N HIS D 197 37.48 5.49 18.83
CA HIS D 197 36.24 5.98 19.43
C HIS D 197 35.02 5.65 18.58
N GLU D 198 35.19 4.82 17.55
CA GLU D 198 34.07 4.44 16.69
C GLU D 198 34.20 3.04 16.11
N ALA D 199 33.06 2.46 15.76
CA ALA D 199 33.00 1.10 15.22
C ALA D 199 31.85 0.95 14.23
N THR D 200 32.03 0.08 13.25
CA THR D 200 30.98 -0.26 12.30
C THR D 200 30.21 -1.47 12.80
N LEU D 201 28.92 -1.30 13.02
CA LEU D 201 28.04 -2.42 13.30
C LEU D 201 27.31 -2.77 12.02
N ARG D 202 27.45 -4.02 11.58
CA ARG D 202 26.83 -4.47 10.35
C ARG D 202 25.86 -5.62 10.58
N CYS D 203 24.63 -5.46 10.11
CA CYS D 203 23.60 -6.48 10.28
C CYS D 203 23.40 -7.21 8.95
N TRP D 204 23.60 -8.52 8.98
CA TRP D 204 23.56 -9.35 7.77
C TRP D 204 22.31 -10.22 7.69
N ALA D 205 21.72 -10.26 6.51
CA ALA D 205 20.67 -11.23 6.20
C ALA D 205 21.11 -12.04 4.99
N LEU D 206 21.19 -13.36 5.15
CA LEU D 206 21.78 -14.20 4.11
C LEU D 206 20.90 -15.35 3.66
N SER D 207 21.05 -15.72 2.39
CA SER D 207 20.43 -16.92 1.84
C SER D 207 18.92 -16.94 2.03
N PHE D 208 18.27 -15.83 1.74
CA PHE D 208 16.81 -15.76 1.88
C PHE D 208 16.08 -15.74 0.55
N TYR D 209 14.79 -16.08 0.61
CA TYR D 209 13.91 -16.07 -0.56
C TYR D 209 12.45 -15.97 -0.09
N PRO D 210 11.65 -15.12 -0.73
CA PRO D 210 12.03 -14.24 -1.86
C PRO D 210 12.88 -13.04 -1.45
N ALA D 211 13.13 -12.16 -2.42
CA ALA D 211 14.06 -11.05 -2.25
C ALA D 211 13.59 -9.99 -1.25
N GLU D 212 12.27 -9.79 -1.20
CA GLU D 212 11.69 -8.76 -0.33
C GLU D 212 12.10 -8.96 1.12
N ILE D 213 12.64 -7.91 1.73
CA ILE D 213 13.08 -7.97 3.11
C ILE D 213 13.20 -6.55 3.66
N THR D 214 13.10 -6.43 4.97
CA THR D 214 13.33 -5.14 5.62
C THR D 214 14.38 -5.26 6.70
N LEU D 215 15.46 -4.51 6.55
CA LEU D 215 16.53 -4.42 7.53
C LEU D 215 16.60 -2.99 8.04
N THR D 216 16.48 -2.80 9.35
CA THR D 216 16.51 -1.47 9.93
C THR D 216 17.31 -1.42 11.23
N TRP D 217 18.03 -0.34 11.43
CA TRP D 217 18.75 -0.11 12.68
C TRP D 217 18.00 0.87 13.57
N GLN D 218 18.05 0.65 14.87
N GLN D 218 18.04 0.63 14.88
CA GLN D 218 17.45 1.57 15.83
CA GLN D 218 17.45 1.53 15.85
C GLN D 218 18.40 1.84 16.98
C GLN D 218 18.45 1.85 16.95
N ARG D 219 18.38 3.07 17.49
CA ARG D 219 19.16 3.44 18.66
C ARG D 219 18.16 3.84 19.73
N ASP D 220 18.10 3.06 20.81
CA ASP D 220 17.07 3.25 21.83
C ASP D 220 15.69 3.28 21.17
N GLY D 221 15.49 2.40 20.19
CA GLY D 221 14.20 2.28 19.53
C GLY D 221 13.92 3.29 18.44
N GLU D 222 14.77 4.31 18.33
CA GLU D 222 14.57 5.37 17.34
C GLU D 222 15.24 5.04 16.01
N ASP D 223 14.44 5.01 14.94
CA ASP D 223 14.94 4.64 13.61
C ASP D 223 16.13 5.47 13.17
N GLN D 224 17.19 4.79 12.75
CA GLN D 224 18.43 5.44 12.33
C GLN D 224 18.56 5.44 10.81
N THR D 225 17.42 5.47 10.13
CA THR D 225 17.40 5.38 8.68
C THR D 225 18.36 6.34 7.99
N GLN D 226 18.43 7.58 8.46
CA GLN D 226 19.31 8.57 7.85
C GLN D 226 20.79 8.31 8.12
N ASP D 227 21.09 7.51 9.12
CA ASP D 227 22.48 7.20 9.45
C ASP D 227 22.85 5.76 9.12
N THR D 228 21.98 5.10 8.36
CA THR D 228 22.19 3.71 8.01
C THR D 228 22.67 3.58 6.58
N GLU D 229 23.76 2.84 6.38
CA GLU D 229 24.13 2.47 5.02
C GLU D 229 23.46 1.13 4.72
N LEU D 230 22.68 1.11 3.64
CA LEU D 230 21.90 -0.06 3.27
C LEU D 230 22.17 -0.39 1.82
N VAL D 231 22.81 -1.54 1.56
CA VAL D 231 23.08 -1.93 0.19
C VAL D 231 21.84 -2.52 -0.45
N GLU D 232 21.76 -2.46 -1.78
CA GLU D 232 20.68 -3.11 -2.49
C GLU D 232 20.72 -4.62 -2.26
N THR D 233 19.54 -5.22 -2.11
CA THR D 233 19.43 -6.66 -2.07
C THR D 233 20.07 -7.24 -3.32
N ARG D 234 20.91 -8.25 -3.14
CA ARG D 234 21.75 -8.75 -4.22
C ARG D 234 21.62 -10.26 -4.28
N PRO D 235 21.77 -10.83 -5.48
CA PRO D 235 21.67 -12.29 -5.68
C PRO D 235 22.94 -13.00 -5.23
N ALA D 236 22.79 -14.13 -4.53
CA ALA D 236 23.96 -14.89 -4.12
C ALA D 236 24.49 -15.70 -5.29
N GLY D 237 23.63 -15.90 -6.29
CA GLY D 237 23.96 -16.66 -7.49
C GLY D 237 23.36 -18.06 -7.49
N ASP D 238 22.76 -18.45 -6.37
CA ASP D 238 22.22 -19.81 -6.22
C ASP D 238 20.71 -19.77 -6.05
N GLY D 239 20.10 -18.64 -6.37
CA GLY D 239 18.67 -18.48 -6.27
C GLY D 239 18.24 -17.82 -4.97
N THR D 240 19.19 -17.60 -4.06
CA THR D 240 18.88 -16.90 -2.81
C THR D 240 19.40 -15.46 -2.86
N PHE D 241 19.08 -14.67 -1.84
CA PHE D 241 19.45 -13.26 -1.84
C PHE D 241 20.16 -12.89 -0.54
N GLN D 242 20.82 -11.74 -0.56
CA GLN D 242 21.60 -11.23 0.56
C GLN D 242 21.34 -9.75 0.72
N LYS D 243 21.45 -9.25 1.94
CA LYS D 243 21.38 -7.82 2.19
C LYS D 243 22.04 -7.51 3.52
N TRP D 244 22.66 -6.35 3.63
CA TRP D 244 23.15 -5.88 4.94
C TRP D 244 22.90 -4.40 5.19
N ALA D 245 22.84 -4.03 6.46
CA ALA D 245 22.72 -2.63 6.87
C ALA D 245 23.78 -2.35 7.93
N ALA D 246 24.38 -1.17 7.88
CA ALA D 246 25.44 -0.82 8.82
C ALA D 246 25.29 0.59 9.39
N VAL D 247 25.70 0.75 10.64
CA VAL D 247 25.76 2.06 11.28
C VAL D 247 27.13 2.22 11.92
N VAL D 248 27.64 3.44 11.96
CA VAL D 248 28.85 3.74 12.70
C VAL D 248 28.47 4.20 14.10
N VAL D 249 28.90 3.44 15.10
CA VAL D 249 28.50 3.63 16.48
C VAL D 249 29.69 4.14 17.29
N PRO D 250 29.46 5.16 18.13
CA PRO D 250 30.55 5.59 19.02
C PRO D 250 30.94 4.41 19.89
N SER D 251 32.23 4.06 19.90
CA SER D 251 32.71 2.96 20.72
C SER D 251 32.17 3.10 22.14
N GLY D 252 31.51 2.05 22.62
CA GLY D 252 30.91 2.06 23.94
C GLY D 252 29.39 2.13 23.94
N GLN D 253 28.81 2.44 22.79
CA GLN D 253 27.35 2.58 22.71
C GLN D 253 26.67 1.41 21.99
N GLU D 254 27.41 0.33 21.77
CA GLU D 254 26.90 -0.84 21.06
C GLU D 254 25.57 -1.35 21.61
N GLN D 255 25.43 -1.31 22.93
CA GLN D 255 24.24 -1.85 23.58
C GLN D 255 22.97 -1.04 23.30
N ARG D 256 23.14 0.18 22.80
CA ARG D 256 21.98 1.02 22.46
C ARG D 256 21.34 0.61 21.13
N TYR D 257 22.10 -0.12 20.32
CA TYR D 257 21.67 -0.41 18.95
C TYR D 257 21.07 -1.80 18.75
N THR D 258 19.98 -1.84 18.00
CA THR D 258 19.35 -3.09 17.61
C THR D 258 19.05 -3.11 16.12
N CYS D 259 19.31 -4.25 15.48
CA CYS D 259 18.95 -4.45 14.09
C CYS D 259 17.65 -5.24 14.02
N HIS D 260 16.69 -4.74 13.24
CA HIS D 260 15.37 -5.34 13.12
C HIS D 260 15.19 -5.97 11.73
N VAL D 261 14.83 -7.25 11.70
CA VAL D 261 14.68 -7.98 10.44
C VAL D 261 13.26 -8.48 10.21
N GLN D 262 12.71 -8.13 9.05
CA GLN D 262 11.39 -8.61 8.67
C GLN D 262 11.49 -9.35 7.34
N HIS D 263 11.00 -10.58 7.33
CA HIS D 263 10.95 -11.39 6.12
C HIS D 263 9.77 -12.36 6.18
N GLU D 264 9.22 -12.70 5.01
CA GLU D 264 8.10 -13.62 4.92
C GLU D 264 8.42 -14.98 5.55
N GLY D 265 9.70 -15.37 5.47
CA GLY D 265 10.12 -16.66 5.96
C GLY D 265 10.22 -16.78 7.48
N LEU D 266 10.11 -15.65 8.16
CA LEU D 266 10.21 -15.60 9.61
C LEU D 266 8.84 -15.62 10.28
N PRO D 267 8.71 -16.38 11.38
CA PRO D 267 7.44 -16.44 12.13
C PRO D 267 7.14 -15.09 12.76
N LYS D 268 8.18 -14.44 13.29
CA LYS D 268 8.06 -13.08 13.79
C LYS D 268 9.36 -12.33 13.48
N PRO D 269 9.27 -11.00 13.35
CA PRO D 269 10.46 -10.17 13.13
C PRO D 269 11.56 -10.48 14.13
N LEU D 270 12.80 -10.47 13.66
CA LEU D 270 13.96 -10.68 14.54
C LEU D 270 14.49 -9.35 15.04
N THR D 271 14.94 -9.34 16.28
CA THR D 271 15.62 -8.18 16.83
C THR D 271 16.98 -8.61 17.32
N LEU D 272 18.02 -8.13 16.65
CA LEU D 272 19.38 -8.52 16.95
C LEU D 272 20.05 -7.41 17.74
N ARG D 273 20.67 -7.78 18.85
CA ARG D 273 21.41 -6.82 19.66
C ARG D 273 22.82 -7.34 19.90
N TRP D 274 23.81 -6.46 19.75
CA TRP D 274 25.19 -6.84 19.97
C TRP D 274 25.45 -7.03 21.46
N GLU D 275 25.47 -8.29 21.88
CA GLU D 275 25.69 -8.64 23.28
C GLU D 275 25.44 -10.13 23.48
N MET E 1 20.15 12.03 -23.68
CA MET E 1 19.62 10.70 -23.35
CA MET E 1 19.57 10.74 -23.33
C MET E 1 19.92 10.33 -21.90
N ILE E 2 19.07 9.49 -21.33
CA ILE E 2 19.23 9.04 -19.95
C ILE E 2 20.50 8.21 -19.73
N GLN E 3 21.21 8.51 -18.66
CA GLN E 3 22.33 7.70 -18.22
C GLN E 3 22.30 7.57 -16.70
N ARG E 4 22.49 6.35 -16.21
CA ARG E 4 22.50 6.07 -14.79
C ARG E 4 23.76 5.30 -14.38
N THR E 5 24.41 5.74 -13.32
CA THR E 5 25.69 5.18 -12.90
C THR E 5 25.51 3.81 -12.23
N PRO E 6 26.38 2.84 -12.58
CA PRO E 6 26.26 1.53 -11.94
C PRO E 6 26.64 1.55 -10.47
N LYS E 7 25.80 0.95 -9.64
CA LYS E 7 26.20 0.63 -8.28
C LYS E 7 26.97 -0.68 -8.37
N ILE E 8 27.95 -0.86 -7.48
CA ILE E 8 28.83 -2.03 -7.57
C ILE E 8 28.97 -2.67 -6.21
N GLN E 9 28.73 -3.96 -6.13
CA GLN E 9 29.00 -4.72 -4.91
C GLN E 9 29.87 -5.92 -5.26
N VAL E 10 30.87 -6.19 -4.43
CA VAL E 10 31.77 -7.33 -4.60
C VAL E 10 31.69 -8.21 -3.35
N TYR E 11 31.40 -9.48 -3.53
CA TYR E 11 31.09 -10.34 -2.39
C TYR E 11 31.14 -11.81 -2.77
N SER E 12 31.19 -12.67 -1.77
CA SER E 12 31.20 -14.12 -1.99
C SER E 12 29.81 -14.69 -1.84
N ARG E 13 29.51 -15.78 -2.55
CA ARG E 13 28.22 -16.43 -2.42
C ARG E 13 28.00 -16.94 -1.01
N HIS E 14 29.01 -17.63 -0.48
CA HIS E 14 28.97 -18.11 0.90
C HIS E 14 29.96 -17.33 1.72
N PRO E 15 29.75 -17.27 3.05
CA PRO E 15 30.72 -16.67 3.96
C PRO E 15 32.12 -17.16 3.61
N ALA E 16 33.07 -16.25 3.47
CA ALA E 16 34.42 -16.60 3.05
C ALA E 16 35.15 -17.43 4.10
N GLU E 17 35.66 -18.58 3.68
CA GLU E 17 36.49 -19.43 4.53
C GLU E 17 37.71 -19.84 3.73
N ASN E 18 38.89 -19.55 4.28
CA ASN E 18 40.14 -19.90 3.60
C ASN E 18 40.22 -21.37 3.26
N GLY E 19 40.55 -21.67 2.00
CA GLY E 19 40.75 -23.02 1.55
C GLY E 19 39.48 -23.77 1.20
N LYS E 20 38.36 -23.06 1.12
CA LYS E 20 37.09 -23.69 0.78
C LYS E 20 36.46 -23.03 -0.45
N SER E 21 36.03 -23.87 -1.39
CA SER E 21 35.52 -23.38 -2.67
C SER E 21 34.29 -22.49 -2.47
N ASN E 22 34.16 -21.50 -3.35
CA ASN E 22 33.15 -20.48 -3.21
C ASN E 22 32.93 -19.86 -4.57
N PHE E 23 32.05 -18.86 -4.64
CA PHE E 23 31.87 -18.08 -5.85
C PHE E 23 32.13 -16.61 -5.52
N LEU E 24 32.90 -15.95 -6.37
CA LEU E 24 33.14 -14.52 -6.23
C LEU E 24 32.14 -13.78 -7.10
N ASN E 25 31.41 -12.86 -6.50
CA ASN E 25 30.36 -12.11 -7.18
C ASN E 25 30.70 -10.64 -7.35
N CYS E 26 30.44 -10.12 -8.54
CA CYS E 26 30.38 -8.66 -8.71
C CYS E 26 29.02 -8.31 -9.29
N TYR E 27 28.20 -7.68 -8.46
CA TYR E 27 26.84 -7.32 -8.83
C TYR E 27 26.80 -5.83 -9.22
N VAL E 28 26.45 -5.55 -10.46
CA VAL E 28 26.30 -4.17 -10.91
C VAL E 28 24.85 -3.90 -11.26
N SER E 29 24.30 -2.83 -10.70
CA SER E 29 22.88 -2.54 -10.86
C SER E 29 22.64 -1.04 -11.04
N GLY E 30 21.44 -0.70 -11.48
CA GLY E 30 21.03 0.70 -11.63
C GLY E 30 21.69 1.46 -12.77
N PHE E 31 22.29 0.75 -13.71
CA PHE E 31 22.96 1.45 -14.82
C PHE E 31 22.11 1.57 -16.09
N HIS E 32 22.48 2.54 -16.92
CA HIS E 32 21.82 2.76 -18.20
C HIS E 32 22.73 3.70 -18.98
N PRO E 33 23.02 3.38 -20.25
CA PRO E 33 22.50 2.25 -21.02
C PRO E 33 23.18 0.95 -20.65
N SER E 34 22.89 -0.13 -21.38
CA SER E 34 23.28 -1.48 -20.98
C SER E 34 24.75 -1.84 -21.24
N ASP E 35 25.39 -1.12 -22.16
N ASP E 35 25.39 -1.14 -22.17
CA ASP E 35 26.81 -1.31 -22.45
CA ASP E 35 26.80 -1.38 -22.46
C ASP E 35 27.62 -1.15 -21.17
C ASP E 35 27.66 -1.15 -21.22
N ILE E 36 28.30 -2.21 -20.75
CA ILE E 36 29.09 -2.15 -19.54
C ILE E 36 30.23 -3.15 -19.62
N GLU E 37 31.37 -2.79 -19.03
CA GLU E 37 32.52 -3.68 -19.00
C GLU E 37 32.79 -4.05 -17.56
N VAL E 38 32.77 -5.34 -17.26
CA VAL E 38 33.02 -5.83 -15.91
C VAL E 38 34.06 -6.93 -15.91
N ASP E 39 35.09 -6.75 -15.12
CA ASP E 39 36.14 -7.76 -14.98
C ASP E 39 36.35 -8.08 -13.51
N LEU E 40 36.63 -9.34 -13.23
CA LEU E 40 37.02 -9.72 -11.88
C LEU E 40 38.53 -9.90 -11.88
N LEU E 41 39.18 -9.39 -10.83
CA LEU E 41 40.63 -9.38 -10.79
C LEU E 41 41.14 -10.20 -9.62
N LYS E 42 42.11 -11.06 -9.90
CA LYS E 42 42.84 -11.74 -8.85
C LYS E 42 44.25 -11.16 -8.82
N ASN E 43 44.59 -10.52 -7.71
CA ASN E 43 45.90 -9.87 -7.57
C ASN E 43 46.22 -8.99 -8.77
N GLY E 44 45.28 -8.12 -9.13
CA GLY E 44 45.49 -7.14 -10.18
C GLY E 44 45.32 -7.65 -11.59
N GLU E 45 45.10 -8.96 -11.74
CA GLU E 45 45.01 -9.53 -13.09
C GLU E 45 43.62 -10.07 -13.40
N ARG E 46 43.19 -9.87 -14.65
CA ARG E 46 41.86 -10.28 -15.08
C ARG E 46 41.66 -11.79 -15.02
N ILE E 47 40.54 -12.21 -14.44
CA ILE E 47 40.19 -13.63 -14.36
C ILE E 47 39.45 -14.03 -15.63
N GLU E 48 39.85 -15.16 -16.22
CA GLU E 48 39.33 -15.55 -17.53
C GLU E 48 38.03 -16.35 -17.47
N LYS E 49 37.87 -17.18 -16.44
CA LYS E 49 36.68 -18.02 -16.31
C LYS E 49 35.58 -17.27 -15.58
N VAL E 50 35.05 -16.22 -16.21
CA VAL E 50 33.99 -15.42 -15.60
C VAL E 50 32.71 -15.46 -16.43
N GLU E 51 31.60 -15.81 -15.78
CA GLU E 51 30.29 -15.81 -16.42
C GLU E 51 29.43 -14.69 -15.85
N HIS E 52 28.29 -14.46 -16.48
CA HIS E 52 27.38 -13.42 -15.99
C HIS E 52 25.93 -13.80 -16.24
N SER E 53 25.03 -13.20 -15.47
CA SER E 53 23.62 -13.46 -15.60
C SER E 53 23.09 -12.86 -16.89
N ASP E 54 21.84 -13.18 -17.20
CA ASP E 54 21.16 -12.63 -18.36
C ASP E 54 20.66 -11.23 -18.03
N LEU E 55 21.00 -10.27 -18.89
CA LEU E 55 20.60 -8.88 -18.69
C LEU E 55 19.12 -8.74 -18.34
N SER E 56 18.86 -8.08 -17.22
CA SER E 56 17.49 -7.82 -16.80
C SER E 56 17.44 -6.38 -16.28
N PHE E 57 16.26 -5.91 -15.88
CA PHE E 57 16.14 -4.53 -15.40
C PHE E 57 15.09 -4.34 -14.31
N SER E 58 15.19 -3.21 -13.61
CA SER E 58 14.33 -2.90 -12.46
C SER E 58 13.15 -2.00 -12.83
N LYS E 59 12.35 -1.64 -11.83
CA LYS E 59 11.14 -0.87 -12.08
C LYS E 59 11.41 0.50 -12.68
N ASP E 60 12.58 1.07 -12.38
CA ASP E 60 12.97 2.36 -12.95
C ASP E 60 13.64 2.21 -14.31
N TRP E 61 13.60 0.98 -14.84
CA TRP E 61 14.19 0.64 -16.15
C TRP E 61 15.71 0.44 -16.11
N SER E 62 16.34 0.71 -14.96
CA SER E 62 17.79 0.56 -14.86
C SER E 62 18.17 -0.92 -14.87
N PHE E 63 19.32 -1.21 -15.49
CA PHE E 63 19.78 -2.59 -15.68
C PHE E 63 20.52 -3.16 -14.47
N TYR E 64 20.51 -4.50 -14.35
CA TYR E 64 21.37 -5.19 -13.39
C TYR E 64 21.95 -6.48 -13.98
N LEU E 65 23.19 -6.78 -13.59
CA LEU E 65 23.91 -7.97 -14.02
C LEU E 65 24.75 -8.51 -12.88
N LEU E 66 24.82 -9.83 -12.77
CA LEU E 66 25.72 -10.51 -11.86
C LEU E 66 26.86 -11.18 -12.61
N TYR E 67 28.10 -10.79 -12.30
CA TYR E 67 29.28 -11.46 -12.83
C TYR E 67 29.85 -12.34 -11.73
N TYR E 68 30.29 -13.54 -12.09
CA TYR E 68 30.72 -14.49 -11.06
C TYR E 68 31.73 -15.49 -11.58
N THR E 69 32.52 -16.02 -10.65
CA THR E 69 33.51 -17.03 -10.95
C THR E 69 33.72 -17.88 -9.71
N GLU E 70 34.04 -19.15 -9.95
CA GLU E 70 34.37 -20.07 -8.89
C GLU E 70 35.74 -19.69 -8.35
N PHE E 71 35.90 -19.67 -7.03
CA PHE E 71 37.21 -19.38 -6.45
C PHE E 71 37.37 -19.95 -5.04
N THR E 72 38.61 -20.05 -4.61
CA THR E 72 38.93 -20.45 -3.24
C THR E 72 39.73 -19.33 -2.58
N PRO E 73 39.11 -18.62 -1.64
CA PRO E 73 39.80 -17.54 -0.93
C PRO E 73 40.98 -18.06 -0.12
N THR E 74 42.09 -17.34 -0.17
CA THR E 74 43.24 -17.62 0.69
C THR E 74 43.60 -16.34 1.43
N GLU E 75 44.18 -16.50 2.61
CA GLU E 75 44.47 -15.36 3.48
C GLU E 75 45.13 -14.17 2.78
N LYS E 76 45.94 -14.45 1.76
CA LYS E 76 46.73 -13.39 1.14
C LYS E 76 46.26 -12.94 -0.24
N ASP E 77 45.49 -13.78 -0.94
CA ASP E 77 45.00 -13.42 -2.27
C ASP E 77 44.04 -12.23 -2.25
N GLU E 78 44.24 -11.32 -3.20
CA GLU E 78 43.42 -10.12 -3.31
C GLU E 78 42.48 -10.21 -4.50
N TYR E 79 41.23 -9.84 -4.28
CA TYR E 79 40.25 -9.84 -5.38
C TYR E 79 39.56 -8.48 -5.52
N ALA E 80 39.16 -8.17 -6.74
CA ALA E 80 38.42 -6.93 -6.99
C ALA E 80 37.55 -7.05 -8.22
N CYS E 81 36.72 -6.04 -8.40
CA CYS E 81 35.88 -5.93 -9.58
C CYS E 81 36.24 -4.62 -10.29
N ARG E 82 36.49 -4.69 -11.59
CA ARG E 82 36.76 -3.49 -12.39
C ARG E 82 35.58 -3.23 -13.31
N VAL E 83 35.03 -2.03 -13.24
CA VAL E 83 33.83 -1.71 -14.00
C VAL E 83 33.99 -0.43 -14.81
N ASN E 84 33.64 -0.50 -16.08
CA ASN E 84 33.65 0.67 -16.93
C ASN E 84 32.29 0.88 -17.57
N HIS E 85 31.88 2.13 -17.66
CA HIS E 85 30.56 2.51 -18.15
C HIS E 85 30.65 3.96 -18.61
N VAL E 86 29.74 4.38 -19.49
CA VAL E 86 29.78 5.74 -20.03
C VAL E 86 29.71 6.81 -18.94
N THR E 87 29.00 6.51 -17.86
CA THR E 87 28.81 7.46 -16.77
C THR E 87 30.06 7.59 -15.91
N LEU E 88 31.05 6.74 -16.17
CA LEU E 88 32.29 6.75 -15.41
C LEU E 88 33.40 7.41 -16.22
N SER E 89 34.02 8.44 -15.66
CA SER E 89 35.10 9.14 -16.34
C SER E 89 36.35 8.27 -16.39
N GLN E 90 36.41 7.30 -15.48
CA GLN E 90 37.46 6.29 -15.47
C GLN E 90 36.92 5.02 -14.84
N PRO E 91 37.47 3.86 -15.23
CA PRO E 91 36.98 2.60 -14.70
C PRO E 91 37.08 2.57 -13.17
N LYS E 92 36.01 2.18 -12.51
CA LYS E 92 36.03 2.05 -11.06
C LYS E 92 36.46 0.65 -10.63
N ILE E 93 37.41 0.59 -9.70
CA ILE E 93 37.84 -0.67 -9.12
C ILE E 93 37.33 -0.76 -7.70
N VAL E 94 36.54 -1.78 -7.42
CA VAL E 94 36.07 -2.03 -6.05
C VAL E 94 36.72 -3.31 -5.54
N LYS E 95 37.43 -3.20 -4.43
CA LYS E 95 38.11 -4.35 -3.84
C LYS E 95 37.13 -5.21 -3.05
N TRP E 96 37.33 -6.51 -3.11
CA TRP E 96 36.53 -7.43 -2.28
C TRP E 96 36.96 -7.28 -0.84
N ASP E 97 36.07 -6.76 -0.01
CA ASP E 97 36.33 -6.72 1.42
C ASP E 97 35.78 -8.01 1.97
N ARG E 98 36.67 -8.99 2.08
CA ARG E 98 36.32 -10.38 2.39
C ARG E 98 35.59 -10.50 3.72
N ASP E 99 35.48 -9.37 4.43
CA ASP E 99 34.59 -9.27 5.57
C ASP E 99 33.16 -9.31 5.00
N MET E 100 32.23 -8.43 5.41
CA MET E 100 32.42 -7.36 6.38
C MET E 100 31.56 -7.63 7.59
N ILE F 1 4.65 -18.64 -20.28
CA ILE F 1 4.59 -18.60 -21.74
C ILE F 1 4.45 -17.16 -22.27
N LEU F 2 5.19 -16.85 -23.34
CA LEU F 2 5.16 -15.54 -23.99
C LEU F 2 3.87 -15.28 -24.74
N LYS F 3 3.64 -14.02 -25.03
CA LYS F 3 2.50 -13.59 -25.83
C LYS F 3 2.78 -13.84 -27.31
N GLU F 4 1.70 -13.93 -28.09
CA GLU F 4 1.79 -13.89 -29.56
C GLU F 4 0.44 -13.45 -30.13
N PRO F 5 0.45 -12.58 -31.16
CA PRO F 5 1.57 -11.92 -31.84
C PRO F 5 1.85 -10.50 -31.34
N VAL F 6 3.12 -10.10 -31.30
CA VAL F 6 3.51 -8.77 -30.83
C VAL F 6 3.26 -7.69 -31.90
N HIS F 7 3.01 -6.46 -31.46
CA HIS F 7 2.71 -5.35 -32.37
C HIS F 7 3.73 -4.21 -32.34
N GLY F 8 4.06 -3.70 -33.52
CA GLY F 8 5.05 -2.64 -33.65
C GLY F 8 4.55 -1.29 -33.15
N VAL F 9 5.48 -0.48 -32.65
CA VAL F 9 5.15 0.85 -32.15
C VAL F 9 4.99 1.87 -33.28
C1 GOL G . -9.15 8.13 15.61
O1 GOL G . -9.21 7.31 14.46
C2 GOL G . -8.31 7.46 16.68
O2 GOL G . -8.91 6.21 17.00
C3 GOL G . -8.26 8.32 17.93
O3 GOL G . -7.04 9.04 17.97
O1 MES H . -6.80 15.05 -0.98
C2 MES H . -7.20 14.51 -2.22
C3 MES H . -6.01 14.30 -3.17
N4 MES H . -5.34 15.59 -3.24
C5 MES H . -4.99 16.28 -2.00
C6 MES H . -5.41 15.33 -0.89
C7 MES H . -4.99 16.16 -4.54
C8 MES H . -6.14 15.78 -5.46
S MES H . -6.16 16.75 -6.82
O1S MES H . -5.50 15.61 -7.54
O2S MES H . -5.34 17.70 -6.02
O3S MES H . -7.63 16.73 -6.69
C1 GOL I . -12.39 5.22 7.77
O1 GOL I . -13.59 5.95 7.72
C2 GOL I . -12.02 4.93 9.22
O2 GOL I . -11.67 6.15 9.85
C3 GOL I . -10.80 4.02 9.21
O3 GOL I . -9.91 4.51 10.18
C1 GOL J . -6.63 6.98 13.01
O1 GOL J . -7.70 7.50 12.24
C2 GOL J . -5.31 7.56 12.50
O2 GOL J . -5.05 6.98 11.24
C3 GOL J . -4.19 7.21 13.46
O3 GOL J . -2.94 7.49 12.84
O1 MES K . -16.90 9.21 7.97
C2 MES K . -15.85 9.52 7.04
C3 MES K . -14.46 9.20 7.59
N4 MES K . -14.37 9.80 8.91
C5 MES K . -15.43 9.57 9.87
C6 MES K . -16.43 8.65 9.18
C7 MES K . -13.23 10.64 9.27
C8 MES K . -12.62 10.03 10.54
S MES K . -11.25 10.85 11.03
O1S MES K . -10.60 9.51 11.08
O2S MES K . -12.05 11.33 12.19
O3S MES K . -11.32 11.58 9.74
C1 GOL L . -28.24 15.23 -1.02
O1 GOL L . -27.60 14.16 -0.39
C2 GOL L . -28.90 14.75 -2.31
O2 GOL L . -27.91 14.21 -3.15
C3 GOL L . -29.58 15.93 -3.01
O3 GOL L . -30.98 15.88 -2.79
O1 MES M . 39.53 -4.01 6.59
C2 MES M . 38.82 -5.01 7.30
C3 MES M . 37.32 -4.98 7.01
N4 MES M . 36.90 -3.59 7.06
C5 MES M . 37.61 -2.57 6.31
C6 MES M . 38.76 -3.30 5.62
C7 MES M . 35.76 -3.21 7.89
C8 MES M . 34.83 -2.40 6.98
S MES M . 33.65 -1.65 7.89
O1S MES M . 33.20 -3.03 8.24
O2S MES M . 33.18 -1.03 6.62
O3S MES M . 34.75 -1.01 8.66
O1 MES N . 14.67 0.40 -8.51
C2 MES N . 15.98 -0.13 -8.39
C3 MES N . 16.44 -0.03 -6.93
N4 MES N . 15.54 -0.90 -6.21
C5 MES N . 14.36 -1.41 -6.89
C6 MES N . 13.75 -0.20 -7.61
C7 MES N . 15.81 -1.20 -4.81
C8 MES N . 15.86 -2.72 -4.66
S MES N . 16.40 -3.11 -3.13
O1S MES N . 15.24 -4.02 -3.08
O2S MES N . 16.22 -1.66 -2.83
O3S MES N . 17.67 -3.56 -3.77
C1 GOL O . 29.69 -12.79 3.97
O1 GOL O . 29.38 -12.21 5.22
C2 GOL O . 28.39 -13.35 3.36
O2 GOL O . 28.63 -14.67 2.91
C3 GOL O . 27.91 -12.48 2.20
O3 GOL O . 28.91 -12.35 1.22
C1 GOL P . 12.43 -10.30 -9.42
O1 GOL P . 13.80 -10.66 -9.47
C2 GOL P . 11.89 -10.20 -10.84
O2 GOL P . 12.84 -9.65 -11.70
C3 GOL P . 10.63 -9.34 -10.84
O3 GOL P . 9.74 -9.84 -11.82
C1 GOL Q . 20.93 -23.81 -0.43
O1 GOL Q . 20.80 -23.47 0.94
C2 GOL Q . 20.24 -22.75 -1.28
O2 GOL Q . 18.86 -22.76 -1.00
C3 GOL Q . 20.44 -23.08 -2.75
O3 GOL Q . 19.30 -22.69 -3.48
O1 MES R . 17.41 -8.51 -7.15
C2 MES R . 16.25 -8.73 -6.36
C3 MES R . 15.42 -7.46 -6.29
N4 MES R . 15.14 -7.04 -7.66
C5 MES R . 16.12 -7.16 -8.74
C6 MES R . 17.06 -8.35 -8.51
C7 MES R . 13.83 -6.46 -7.93
C8 MES R . 14.07 -5.08 -8.56
S MES R . 12.61 -4.26 -8.57
O1S MES R . 13.40 -3.07 -8.99
O2S MES R . 12.54 -4.60 -7.13
O3S MES R . 12.17 -5.25 -9.59
C1 GOL S . 10.06 -4.01 -13.15
O1 GOL S . 8.96 -4.64 -12.53
C2 GOL S . 9.61 -3.38 -14.45
O2 GOL S . 10.74 -3.12 -15.26
C3 GOL S . 8.83 -2.09 -14.21
O3 GOL S . 8.86 -1.27 -15.37
C1 GOL T . 31.98 6.17 -7.60
C1 GOL T . 27.70 -0.14 -2.95
O1 GOL T . 33.18 6.72 -8.10
O1 GOL T . 26.43 -0.54 -2.53
C2 GOL T . 31.21 5.48 -8.72
C2 GOL T . 27.56 1.08 -3.84
O2 GOL T . 30.64 6.46 -9.56
O2 GOL T . 26.46 0.91 -4.69
C3 GOL T . 30.10 4.63 -8.12
C3 GOL T . 28.82 1.32 -4.68
O3 GOL T . 30.29 3.27 -8.47
O3 GOL T . 28.49 1.39 -6.04
#